data_5ZX1
# 
_entry.id   5ZX1 
# 
_audit_conform.dict_name       mmcif_pdbx.dic 
_audit_conform.dict_version    5.380 
_audit_conform.dict_location   http://mmcif.pdb.org/dictionaries/ascii/mmcif_pdbx.dic 
# 
loop_
_database_2.database_id 
_database_2.database_code 
_database_2.pdbx_database_accession 
_database_2.pdbx_DOI 
PDB   5ZX1         pdb_00005zx1 10.2210/pdb5zx1/pdb 
WWPDB D_1300007809 ?            ?                   
# 
_pdbx_database_status.status_code                     REL 
_pdbx_database_status.status_code_sf                  REL 
_pdbx_database_status.status_code_mr                  ? 
_pdbx_database_status.entry_id                        5ZX1 
_pdbx_database_status.recvd_initial_deposition_date   2018-05-17 
_pdbx_database_status.SG_entry                        N 
_pdbx_database_status.deposit_site                    PDBJ 
_pdbx_database_status.process_site                    PDBJ 
_pdbx_database_status.status_code_cs                  ? 
_pdbx_database_status.methods_development_category    ? 
_pdbx_database_status.pdb_format_compatible           Y 
_pdbx_database_status.status_code_nmr_data            ? 
# 
loop_
_audit_author.name 
_audit_author.pdbx_ordinal 
_audit_author.identifier_ORCID 
'Shanhui, L.'  1 ? 
'Xiaoming, T.' 2 ? 
'Juan, M.'     3 ? 
# 
_citation.abstract                  ? 
_citation.abstract_id_CAS           ? 
_citation.book_id_ISBN              ? 
_citation.book_publisher            ? 
_citation.book_publisher_city       ? 
_citation.book_title                ? 
_citation.coordinate_linkage        ? 
_citation.country                   US 
_citation.database_id_Medline       ? 
_citation.details                   ? 
_citation.id                        primary 
_citation.journal_abbrev            Biochem.Biophys.Res.Commun. 
_citation.journal_id_ASTM           BBRCA9 
_citation.journal_id_CSD            0146 
_citation.journal_id_ISSN           1090-2104 
_citation.journal_full              ? 
_citation.journal_issue             ? 
_citation.journal_volume            505 
_citation.language                  ? 
_citation.page_first                755 
_citation.page_last                 760 
_citation.title                     'Crystal structure of an ENT domain from Trypanosoma brucei.' 
_citation.year                      2018 
_citation.database_id_CSD           ? 
_citation.pdbx_database_id_DOI      10.1016/j.bbrc.2018.09.167 
_citation.pdbx_database_id_PubMed   30293681 
_citation.unpublished_flag          ? 
# 
loop_
_citation_author.citation_id 
_citation_author.name 
_citation_author.ordinal 
_citation_author.identifier_ORCID 
primary 'Mi, J.'    1 ? 
primary 'Yang, X.'  2 ? 
primary 'Zhang, J.' 3 ? 
primary 'Zhang, X.' 4 ? 
primary 'Xu, C.'    5 ? 
primary 'Liao, S.'  6 ? 
primary 'Tu, X.'    7 ? 
# 
_cell.angle_alpha                  90.00 
_cell.angle_alpha_esd              ? 
_cell.angle_beta                   90.00 
_cell.angle_beta_esd               ? 
_cell.angle_gamma                  90.00 
_cell.angle_gamma_esd              ? 
_cell.entry_id                     5ZX1 
_cell.details                      ? 
_cell.formula_units_Z              ? 
_cell.length_a                     132.590 
_cell.length_a_esd                 ? 
_cell.length_b                     132.590 
_cell.length_b_esd                 ? 
_cell.length_c                     40.030 
_cell.length_c_esd                 ? 
_cell.volume                       ? 
_cell.volume_esd                   ? 
_cell.Z_PDB                        16 
_cell.reciprocal_angle_alpha       ? 
_cell.reciprocal_angle_beta        ? 
_cell.reciprocal_angle_gamma       ? 
_cell.reciprocal_angle_alpha_esd   ? 
_cell.reciprocal_angle_beta_esd    ? 
_cell.reciprocal_angle_gamma_esd   ? 
_cell.reciprocal_length_a          ? 
_cell.reciprocal_length_b          ? 
_cell.reciprocal_length_c          ? 
_cell.reciprocal_length_a_esd      ? 
_cell.reciprocal_length_b_esd      ? 
_cell.reciprocal_length_c_esd      ? 
_cell.pdbx_unique_axis             ? 
# 
_symmetry.entry_id                         5ZX1 
_symmetry.cell_setting                     ? 
_symmetry.Int_Tables_number                98 
_symmetry.space_group_name_Hall            ? 
_symmetry.space_group_name_H-M             'I 41 2 2' 
_symmetry.pdbx_full_space_group_name_H-M   ? 
# 
loop_
_entity.id 
_entity.type 
_entity.src_method 
_entity.pdbx_description 
_entity.formula_weight 
_entity.pdbx_number_of_molecules 
_entity.pdbx_ec 
_entity.pdbx_mutation 
_entity.pdbx_fragment 
_entity.details 
1 polymer man ENT   13068.890 1  ? ? 'ENT domain' ? 
2 water   nat water 18.015    52 ? ? ?            ? 
# 
_entity_poly.entity_id                      1 
_entity_poly.type                           'polypeptide(L)' 
_entity_poly.nstd_linkage                   no 
_entity_poly.nstd_monomer                   no 
_entity_poly.pdbx_seq_one_letter_code       
;MSASGSGVAAIYGRAEEAQNAPVKLQPVPAFELYKAAREEELCSYRSLCRVLCMHSGGKLTKQQRRILEDMREELCLPTE
RAEAELAAAREDVLVTSVAASGVLKRRQDLEHHHHHH
;
_entity_poly.pdbx_seq_one_letter_code_can   
;MSASGSGVAAIYGRAEEAQNAPVKLQPVPAFELYKAAREEELCSYRSLCRVLCMHSGGKLTKQQRRILEDMREELCLPTE
RAEAELAAAREDVLVTSVAASGVLKRRQDLEHHHHHH
;
_entity_poly.pdbx_strand_id                 A 
_entity_poly.pdbx_target_identifier         ? 
# 
loop_
_entity_poly_seq.entity_id 
_entity_poly_seq.num 
_entity_poly_seq.mon_id 
_entity_poly_seq.hetero 
1 1   MET n 
1 2   SER n 
1 3   ALA n 
1 4   SER n 
1 5   GLY n 
1 6   SER n 
1 7   GLY n 
1 8   VAL n 
1 9   ALA n 
1 10  ALA n 
1 11  ILE n 
1 12  TYR n 
1 13  GLY n 
1 14  ARG n 
1 15  ALA n 
1 16  GLU n 
1 17  GLU n 
1 18  ALA n 
1 19  GLN n 
1 20  ASN n 
1 21  ALA n 
1 22  PRO n 
1 23  VAL n 
1 24  LYS n 
1 25  LEU n 
1 26  GLN n 
1 27  PRO n 
1 28  VAL n 
1 29  PRO n 
1 30  ALA n 
1 31  PHE n 
1 32  GLU n 
1 33  LEU n 
1 34  TYR n 
1 35  LYS n 
1 36  ALA n 
1 37  ALA n 
1 38  ARG n 
1 39  GLU n 
1 40  GLU n 
1 41  GLU n 
1 42  LEU n 
1 43  CYS n 
1 44  SER n 
1 45  TYR n 
1 46  ARG n 
1 47  SER n 
1 48  LEU n 
1 49  CYS n 
1 50  ARG n 
1 51  VAL n 
1 52  LEU n 
1 53  CYS n 
1 54  MET n 
1 55  HIS n 
1 56  SER n 
1 57  GLY n 
1 58  GLY n 
1 59  LYS n 
1 60  LEU n 
1 61  THR n 
1 62  LYS n 
1 63  GLN n 
1 64  GLN n 
1 65  ARG n 
1 66  ARG n 
1 67  ILE n 
1 68  LEU n 
1 69  GLU n 
1 70  ASP n 
1 71  MET n 
1 72  ARG n 
1 73  GLU n 
1 74  GLU n 
1 75  LEU n 
1 76  CYS n 
1 77  LEU n 
1 78  PRO n 
1 79  THR n 
1 80  GLU n 
1 81  ARG n 
1 82  ALA n 
1 83  GLU n 
1 84  ALA n 
1 85  GLU n 
1 86  LEU n 
1 87  ALA n 
1 88  ALA n 
1 89  ALA n 
1 90  ARG n 
1 91  GLU n 
1 92  ASP n 
1 93  VAL n 
1 94  LEU n 
1 95  VAL n 
1 96  THR n 
1 97  SER n 
1 98  VAL n 
1 99  ALA n 
1 100 ALA n 
1 101 SER n 
1 102 GLY n 
1 103 VAL n 
1 104 LEU n 
1 105 LYS n 
1 106 ARG n 
1 107 ARG n 
1 108 GLN n 
1 109 ASP n 
1 110 LEU n 
1 111 GLU n 
1 112 HIS n 
1 113 HIS n 
1 114 HIS n 
1 115 HIS n 
1 116 HIS n 
1 117 HIS n 
# 
_entity_src_gen.entity_id                          1 
_entity_src_gen.pdbx_src_id                        1 
_entity_src_gen.pdbx_alt_source_flag               sample 
_entity_src_gen.pdbx_seq_type                      'Biological sequence' 
_entity_src_gen.pdbx_beg_seq_num                   1 
_entity_src_gen.pdbx_end_seq_num                   117 
_entity_src_gen.gene_src_common_name               ? 
_entity_src_gen.gene_src_genus                     ? 
_entity_src_gen.pdbx_gene_src_gene                 Tb11.02.2890 
_entity_src_gen.gene_src_species                   ? 
_entity_src_gen.gene_src_strain                    '927/4 GUTat10.1' 
_entity_src_gen.gene_src_tissue                    ? 
_entity_src_gen.gene_src_tissue_fraction           ? 
_entity_src_gen.gene_src_details                   ? 
_entity_src_gen.pdbx_gene_src_fragment             ? 
_entity_src_gen.pdbx_gene_src_scientific_name      'Trypanosoma brucei brucei' 
_entity_src_gen.pdbx_gene_src_ncbi_taxonomy_id     185431 
_entity_src_gen.pdbx_gene_src_variant              ? 
_entity_src_gen.pdbx_gene_src_cell_line            ? 
_entity_src_gen.pdbx_gene_src_atcc                 ? 
_entity_src_gen.pdbx_gene_src_organ                ? 
_entity_src_gen.pdbx_gene_src_organelle            ? 
_entity_src_gen.pdbx_gene_src_cell                 ? 
_entity_src_gen.pdbx_gene_src_cellular_location    ? 
_entity_src_gen.host_org_common_name               ? 
_entity_src_gen.pdbx_host_org_scientific_name      'Escherichia coli' 
_entity_src_gen.pdbx_host_org_ncbi_taxonomy_id     562 
_entity_src_gen.host_org_genus                     ? 
_entity_src_gen.pdbx_host_org_gene                 ? 
_entity_src_gen.pdbx_host_org_organ                ? 
_entity_src_gen.host_org_species                   ? 
_entity_src_gen.pdbx_host_org_tissue               ? 
_entity_src_gen.pdbx_host_org_tissue_fraction      ? 
_entity_src_gen.pdbx_host_org_strain               ? 
_entity_src_gen.pdbx_host_org_variant              ? 
_entity_src_gen.pdbx_host_org_cell_line            ? 
_entity_src_gen.pdbx_host_org_atcc                 ? 
_entity_src_gen.pdbx_host_org_culture_collection   ? 
_entity_src_gen.pdbx_host_org_cell                 ? 
_entity_src_gen.pdbx_host_org_organelle            ? 
_entity_src_gen.pdbx_host_org_cellular_location    ? 
_entity_src_gen.pdbx_host_org_vector_type          ? 
_entity_src_gen.pdbx_host_org_vector               ? 
_entity_src_gen.host_org_details                   ? 
_entity_src_gen.expression_system_id               ? 
_entity_src_gen.plasmid_name                       ? 
_entity_src_gen.plasmid_details                    ? 
_entity_src_gen.pdbx_description                   ? 
# 
_struct_ref.id                         1 
_struct_ref.db_name                    UNP 
_struct_ref.db_code                    Q385P5_TRYB2 
_struct_ref.pdbx_db_accession          Q385P5 
_struct_ref.pdbx_db_isoform            ? 
_struct_ref.entity_id                  1 
_struct_ref.pdbx_seq_one_letter_code   
;MSASGSGVAAIYGRAEEAQNAPVKLQPVPAFELYKAAREEELCSYRSLCRVLCMHSGGKLTKQQRRILEDMREELCLPTE
RAEAELAAAREDVLVTSVAASGVLKRRQD
;
_struct_ref.pdbx_align_begin           1 
# 
_struct_ref_seq.align_id                      1 
_struct_ref_seq.ref_id                        1 
_struct_ref_seq.pdbx_PDB_id_code              5ZX1 
_struct_ref_seq.pdbx_strand_id                A 
_struct_ref_seq.seq_align_beg                 1 
_struct_ref_seq.pdbx_seq_align_beg_ins_code   ? 
_struct_ref_seq.seq_align_end                 109 
_struct_ref_seq.pdbx_seq_align_end_ins_code   ? 
_struct_ref_seq.pdbx_db_accession             Q385P5 
_struct_ref_seq.db_align_beg                  1 
_struct_ref_seq.pdbx_db_align_beg_ins_code    ? 
_struct_ref_seq.db_align_end                  109 
_struct_ref_seq.pdbx_db_align_end_ins_code    ? 
_struct_ref_seq.pdbx_auth_seq_align_beg       -13 
_struct_ref_seq.pdbx_auth_seq_align_end       95 
# 
loop_
_struct_ref_seq_dif.align_id 
_struct_ref_seq_dif.pdbx_pdb_id_code 
_struct_ref_seq_dif.mon_id 
_struct_ref_seq_dif.pdbx_pdb_strand_id 
_struct_ref_seq_dif.seq_num 
_struct_ref_seq_dif.pdbx_pdb_ins_code 
_struct_ref_seq_dif.pdbx_seq_db_name 
_struct_ref_seq_dif.pdbx_seq_db_accession_code 
_struct_ref_seq_dif.db_mon_id 
_struct_ref_seq_dif.pdbx_seq_db_seq_num 
_struct_ref_seq_dif.details 
_struct_ref_seq_dif.pdbx_auth_seq_num 
_struct_ref_seq_dif.pdbx_ordinal 
1 5ZX1 LEU A 110 ? UNP Q385P5 ? ? 'expression tag' 96  1 
1 5ZX1 GLU A 111 ? UNP Q385P5 ? ? 'expression tag' 97  2 
1 5ZX1 HIS A 112 ? UNP Q385P5 ? ? 'expression tag' 98  3 
1 5ZX1 HIS A 113 ? UNP Q385P5 ? ? 'expression tag' 99  4 
1 5ZX1 HIS A 114 ? UNP Q385P5 ? ? 'expression tag' 100 5 
1 5ZX1 HIS A 115 ? UNP Q385P5 ? ? 'expression tag' 101 6 
1 5ZX1 HIS A 116 ? UNP Q385P5 ? ? 'expression tag' 102 7 
1 5ZX1 HIS A 117 ? UNP Q385P5 ? ? 'expression tag' 103 8 
# 
loop_
_chem_comp.id 
_chem_comp.type 
_chem_comp.mon_nstd_flag 
_chem_comp.name 
_chem_comp.pdbx_synonyms 
_chem_comp.formula 
_chem_comp.formula_weight 
ALA 'L-peptide linking' y ALANINE         ? 'C3 H7 N O2'     89.093  
ARG 'L-peptide linking' y ARGININE        ? 'C6 H15 N4 O2 1' 175.209 
ASN 'L-peptide linking' y ASPARAGINE      ? 'C4 H8 N2 O3'    132.118 
ASP 'L-peptide linking' y 'ASPARTIC ACID' ? 'C4 H7 N O4'     133.103 
CYS 'L-peptide linking' y CYSTEINE        ? 'C3 H7 N O2 S'   121.158 
GLN 'L-peptide linking' y GLUTAMINE       ? 'C5 H10 N2 O3'   146.144 
GLU 'L-peptide linking' y 'GLUTAMIC ACID' ? 'C5 H9 N O4'     147.129 
GLY 'peptide linking'   y GLYCINE         ? 'C2 H5 N O2'     75.067  
HIS 'L-peptide linking' y HISTIDINE       ? 'C6 H10 N3 O2 1' 156.162 
HOH non-polymer         . WATER           ? 'H2 O'           18.015  
ILE 'L-peptide linking' y ISOLEUCINE      ? 'C6 H13 N O2'    131.173 
LEU 'L-peptide linking' y LEUCINE         ? 'C6 H13 N O2'    131.173 
LYS 'L-peptide linking' y LYSINE          ? 'C6 H15 N2 O2 1' 147.195 
MET 'L-peptide linking' y METHIONINE      ? 'C5 H11 N O2 S'  149.211 
PHE 'L-peptide linking' y PHENYLALANINE   ? 'C9 H11 N O2'    165.189 
PRO 'L-peptide linking' y PROLINE         ? 'C5 H9 N O2'     115.130 
SER 'L-peptide linking' y SERINE          ? 'C3 H7 N O3'     105.093 
THR 'L-peptide linking' y THREONINE       ? 'C4 H9 N O3'     119.119 
TYR 'L-peptide linking' y TYROSINE        ? 'C9 H11 N O3'    181.189 
VAL 'L-peptide linking' y VALINE          ? 'C5 H11 N O2'    117.146 
# 
_exptl.absorpt_coefficient_mu     ? 
_exptl.absorpt_correction_T_max   ? 
_exptl.absorpt_correction_T_min   ? 
_exptl.absorpt_correction_type    ? 
_exptl.absorpt_process_details    ? 
_exptl.entry_id                   5ZX1 
_exptl.crystals_number            1 
_exptl.details                    ? 
_exptl.method                     'X-RAY DIFFRACTION' 
_exptl.method_details             ? 
# 
_exptl_crystal.colour                      ? 
_exptl_crystal.density_diffrn              ? 
_exptl_crystal.density_Matthews            3.37 
_exptl_crystal.density_method              ? 
_exptl_crystal.density_percent_sol         63.45 
_exptl_crystal.description                 ? 
_exptl_crystal.F_000                       ? 
_exptl_crystal.id                          1 
_exptl_crystal.preparation                 ? 
_exptl_crystal.size_max                    ? 
_exptl_crystal.size_mid                    ? 
_exptl_crystal.size_min                    ? 
_exptl_crystal.size_rad                    ? 
_exptl_crystal.colour_lustre               ? 
_exptl_crystal.colour_modifier             ? 
_exptl_crystal.colour_primary              ? 
_exptl_crystal.density_meas                ? 
_exptl_crystal.density_meas_esd            ? 
_exptl_crystal.density_meas_gt             ? 
_exptl_crystal.density_meas_lt             ? 
_exptl_crystal.density_meas_temp           ? 
_exptl_crystal.density_meas_temp_esd       ? 
_exptl_crystal.density_meas_temp_gt        ? 
_exptl_crystal.density_meas_temp_lt        ? 
_exptl_crystal.pdbx_crystal_image_url      ? 
_exptl_crystal.pdbx_crystal_image_format   ? 
_exptl_crystal.pdbx_mosaicity              ? 
_exptl_crystal.pdbx_mosaicity_esd          ? 
# 
_exptl_crystal_grow.apparatus       ? 
_exptl_crystal_grow.atmosphere      ? 
_exptl_crystal_grow.crystal_id      1 
_exptl_crystal_grow.details         ? 
_exptl_crystal_grow.method          'VAPOR DIFFUSION, SITTING DROP' 
_exptl_crystal_grow.method_ref      ? 
_exptl_crystal_grow.pH              ? 
_exptl_crystal_grow.pressure        ? 
_exptl_crystal_grow.pressure_esd    ? 
_exptl_crystal_grow.seeding         ? 
_exptl_crystal_grow.seeding_ref     ? 
_exptl_crystal_grow.temp            292 
_exptl_crystal_grow.temp_details    ? 
_exptl_crystal_grow.temp_esd        ? 
_exptl_crystal_grow.time            ? 
_exptl_crystal_grow.pdbx_details    '0.2M L-proline, 0.1M HEPES pH7.5, 10% PEG 3350' 
_exptl_crystal_grow.pdbx_pH_range   ? 
# 
_diffrn.ambient_environment    ? 
_diffrn.ambient_temp           293 
_diffrn.ambient_temp_details   ? 
_diffrn.ambient_temp_esd       ? 
_diffrn.crystal_id             1 
_diffrn.crystal_support        ? 
_diffrn.crystal_treatment      ? 
_diffrn.details                ? 
_diffrn.id                     1 
_diffrn.ambient_pressure       ? 
_diffrn.ambient_pressure_esd   ? 
_diffrn.ambient_pressure_gt    ? 
_diffrn.ambient_pressure_lt    ? 
_diffrn.ambient_temp_gt        ? 
_diffrn.ambient_temp_lt        ? 
# 
_diffrn_detector.details                      ? 
_diffrn_detector.detector                     PIXEL 
_diffrn_detector.diffrn_id                    1 
_diffrn_detector.type                         'DECTRIS EIGER X 16M' 
_diffrn_detector.area_resol_mean              ? 
_diffrn_detector.dtime                        ? 
_diffrn_detector.pdbx_frames_total            ? 
_diffrn_detector.pdbx_collection_time_total   ? 
_diffrn_detector.pdbx_collection_date         2018-05-12 
# 
_diffrn_radiation.collimation                      ? 
_diffrn_radiation.diffrn_id                        1 
_diffrn_radiation.filter_edge                      ? 
_diffrn_radiation.inhomogeneity                    ? 
_diffrn_radiation.monochromator                    ? 
_diffrn_radiation.polarisn_norm                    ? 
_diffrn_radiation.polarisn_ratio                   ? 
_diffrn_radiation.probe                            ? 
_diffrn_radiation.type                             ? 
_diffrn_radiation.xray_symbol                      ? 
_diffrn_radiation.wavelength_id                    1 
_diffrn_radiation.pdbx_monochromatic_or_laue_m_l   M 
_diffrn_radiation.pdbx_wavelength_list             ? 
_diffrn_radiation.pdbx_wavelength                  ? 
_diffrn_radiation.pdbx_diffrn_protocol             'SINGLE WAVELENGTH' 
_diffrn_radiation.pdbx_analyzer                    ? 
_diffrn_radiation.pdbx_scattering_type             x-ray 
# 
_diffrn_radiation_wavelength.id           1 
_diffrn_radiation_wavelength.wavelength   0.9791 
_diffrn_radiation_wavelength.wt           1.0 
# 
_diffrn_source.current                     ? 
_diffrn_source.details                     ? 
_diffrn_source.diffrn_id                   1 
_diffrn_source.power                       ? 
_diffrn_source.size                        ? 
_diffrn_source.source                      SYNCHROTRON 
_diffrn_source.target                      ? 
_diffrn_source.type                        'SSRF BEAMLINE BL17U1' 
_diffrn_source.voltage                     ? 
_diffrn_source.take-off_angle              ? 
_diffrn_source.pdbx_wavelength_list        0.9791 
_diffrn_source.pdbx_wavelength             ? 
_diffrn_source.pdbx_synchrotron_beamline   BL17U1 
_diffrn_source.pdbx_synchrotron_site       SSRF 
# 
_reflns.B_iso_Wilson_estimate            ? 
_reflns.entry_id                         5ZX1 
_reflns.data_reduction_details           ? 
_reflns.data_reduction_method            ? 
_reflns.d_resolution_high                2.31 
_reflns.d_resolution_low                 46.88 
_reflns.details                          ? 
_reflns.limit_h_max                      ? 
_reflns.limit_h_min                      ? 
_reflns.limit_k_max                      ? 
_reflns.limit_k_min                      ? 
_reflns.limit_l_max                      ? 
_reflns.limit_l_min                      ? 
_reflns.number_all                       ? 
_reflns.number_obs                       8072 
_reflns.observed_criterion               ? 
_reflns.observed_criterion_F_max         ? 
_reflns.observed_criterion_F_min         ? 
_reflns.observed_criterion_I_max         ? 
_reflns.observed_criterion_I_min         ? 
_reflns.observed_criterion_sigma_F       ? 
_reflns.observed_criterion_sigma_I       ? 
_reflns.percent_possible_obs             99 
_reflns.R_free_details                   ? 
_reflns.Rmerge_F_all                     ? 
_reflns.Rmerge_F_obs                     ? 
_reflns.Friedel_coverage                 ? 
_reflns.number_gt                        ? 
_reflns.threshold_expression             ? 
_reflns.pdbx_redundancy                  12.5 
_reflns.pdbx_Rmerge_I_obs                0.028 
_reflns.pdbx_Rmerge_I_all                ? 
_reflns.pdbx_Rsym_value                  ? 
_reflns.pdbx_netI_over_av_sigmaI         ? 
_reflns.pdbx_netI_over_sigmaI            14.5 
_reflns.pdbx_res_netI_over_av_sigmaI_2   ? 
_reflns.pdbx_res_netI_over_sigmaI_2      ? 
_reflns.pdbx_chi_squared                 ? 
_reflns.pdbx_scaling_rejects             ? 
_reflns.pdbx_d_res_high_opt              ? 
_reflns.pdbx_d_res_low_opt               ? 
_reflns.pdbx_d_res_opt_method            ? 
_reflns.phase_calculation_details        ? 
_reflns.pdbx_Rrim_I_all                  ? 
_reflns.pdbx_Rpim_I_all                  0.028 
_reflns.pdbx_d_opt                       ? 
_reflns.pdbx_number_measured_all         ? 
_reflns.pdbx_diffrn_id                   1 
_reflns.pdbx_ordinal                     1 
_reflns.pdbx_CC_half                     ? 
_reflns.pdbx_R_split                     ? 
# 
_reflns_shell.d_res_high                  2.31 
_reflns_shell.d_res_low                   2.39 
_reflns_shell.meanI_over_sigI_all         ? 
_reflns_shell.meanI_over_sigI_obs         ? 
_reflns_shell.number_measured_all         ? 
_reflns_shell.number_measured_obs         ? 
_reflns_shell.number_possible             ? 
_reflns_shell.number_unique_all           ? 
_reflns_shell.number_unique_obs           1586 
_reflns_shell.percent_possible_all        ? 
_reflns_shell.percent_possible_obs        ? 
_reflns_shell.Rmerge_F_all                ? 
_reflns_shell.Rmerge_F_obs                ? 
_reflns_shell.Rmerge_I_all                ? 
_reflns_shell.Rmerge_I_obs                0.270 
_reflns_shell.meanI_over_sigI_gt          ? 
_reflns_shell.meanI_over_uI_all           ? 
_reflns_shell.meanI_over_uI_gt            ? 
_reflns_shell.number_measured_gt          ? 
_reflns_shell.number_unique_gt            ? 
_reflns_shell.percent_possible_gt         ? 
_reflns_shell.Rmerge_F_gt                 ? 
_reflns_shell.Rmerge_I_gt                 ? 
_reflns_shell.pdbx_redundancy             ? 
_reflns_shell.pdbx_Rsym_value             ? 
_reflns_shell.pdbx_chi_squared            ? 
_reflns_shell.pdbx_netI_over_sigmaI_all   ? 
_reflns_shell.pdbx_netI_over_sigmaI_obs   ? 
_reflns_shell.pdbx_Rrim_I_all             ? 
_reflns_shell.pdbx_Rpim_I_all             ? 
_reflns_shell.pdbx_rejects                ? 
_reflns_shell.pdbx_ordinal                1 
_reflns_shell.pdbx_diffrn_id              1 
_reflns_shell.pdbx_CC_half                ? 
_reflns_shell.pdbx_R_split                ? 
# 
_refine.aniso_B[1][1]                            ? 
_refine.aniso_B[1][2]                            ? 
_refine.aniso_B[1][3]                            ? 
_refine.aniso_B[2][2]                            ? 
_refine.aniso_B[2][3]                            ? 
_refine.aniso_B[3][3]                            ? 
_refine.B_iso_max                                ? 
_refine.B_iso_mean                               ? 
_refine.B_iso_min                                ? 
_refine.correlation_coeff_Fo_to_Fc               ? 
_refine.correlation_coeff_Fo_to_Fc_free          ? 
_refine.details                                  ? 
_refine.diff_density_max                         ? 
_refine.diff_density_max_esd                     ? 
_refine.diff_density_min                         ? 
_refine.diff_density_min_esd                     ? 
_refine.diff_density_rms                         ? 
_refine.diff_density_rms_esd                     ? 
_refine.entry_id                                 5ZX1 
_refine.pdbx_refine_id                           'X-RAY DIFFRACTION' 
_refine.ls_abs_structure_details                 ? 
_refine.ls_abs_structure_Flack                   ? 
_refine.ls_abs_structure_Flack_esd               ? 
_refine.ls_abs_structure_Rogers                  ? 
_refine.ls_abs_structure_Rogers_esd              ? 
_refine.ls_d_res_high                            2.31 
_refine.ls_d_res_low                             46.878 
_refine.ls_extinction_coef                       ? 
_refine.ls_extinction_coef_esd                   ? 
_refine.ls_extinction_expression                 ? 
_refine.ls_extinction_method                     ? 
_refine.ls_goodness_of_fit_all                   ? 
_refine.ls_goodness_of_fit_all_esd               ? 
_refine.ls_goodness_of_fit_obs                   ? 
_refine.ls_goodness_of_fit_obs_esd               ? 
_refine.ls_hydrogen_treatment                    ? 
_refine.ls_matrix_type                           ? 
_refine.ls_number_constraints                    ? 
_refine.ls_number_parameters                     ? 
_refine.ls_number_reflns_all                     ? 
_refine.ls_number_reflns_obs                     8068 
_refine.ls_number_reflns_R_free                  421 
_refine.ls_number_reflns_R_work                  ? 
_refine.ls_number_restraints                     ? 
_refine.ls_percent_reflns_obs                    99 
_refine.ls_percent_reflns_R_free                 ? 
_refine.ls_R_factor_all                          ? 
_refine.ls_R_factor_obs                          ? 
_refine.ls_R_factor_R_free                       0.2788 
_refine.ls_R_factor_R_free_error                 ? 
_refine.ls_R_factor_R_free_error_details         ? 
_refine.ls_R_factor_R_work                       0.2342 
_refine.ls_R_Fsqd_factor_obs                     ? 
_refine.ls_R_I_factor_obs                        ? 
_refine.ls_redundancy_reflns_all                 ? 
_refine.ls_redundancy_reflns_obs                 ? 
_refine.ls_restrained_S_all                      ? 
_refine.ls_restrained_S_obs                      ? 
_refine.ls_shift_over_esd_max                    ? 
_refine.ls_shift_over_esd_mean                   ? 
_refine.ls_structure_factor_coef                 ? 
_refine.ls_weighting_details                     ? 
_refine.ls_weighting_scheme                      ? 
_refine.ls_wR_factor_all                         ? 
_refine.ls_wR_factor_obs                         ? 
_refine.ls_wR_factor_R_free                      ? 
_refine.ls_wR_factor_R_work                      ? 
_refine.occupancy_max                            ? 
_refine.occupancy_min                            ? 
_refine.solvent_model_details                    ? 
_refine.solvent_model_param_bsol                 ? 
_refine.solvent_model_param_ksol                 ? 
_refine.ls_R_factor_gt                           ? 
_refine.ls_goodness_of_fit_gt                    ? 
_refine.ls_goodness_of_fit_ref                   ? 
_refine.ls_shift_over_su_max                     ? 
_refine.ls_shift_over_su_max_lt                  ? 
_refine.ls_shift_over_su_mean                    ? 
_refine.ls_shift_over_su_mean_lt                 ? 
_refine.pdbx_ls_sigma_I                          ? 
_refine.pdbx_ls_sigma_F                          ? 
_refine.pdbx_ls_sigma_Fsqd                       ? 
_refine.pdbx_data_cutoff_high_absF               ? 
_refine.pdbx_data_cutoff_high_rms_absF           ? 
_refine.pdbx_data_cutoff_low_absF                ? 
_refine.pdbx_isotropic_thermal_model             ? 
_refine.pdbx_ls_cross_valid_method               NONE 
_refine.pdbx_method_to_determine_struct          'MOLECULAR REPLACEMENT' 
_refine.pdbx_starting_model                      1UZ3 
_refine.pdbx_stereochemistry_target_values       ? 
_refine.pdbx_R_Free_selection_details            ? 
_refine.pdbx_stereochem_target_val_spec_case     ? 
_refine.pdbx_overall_ESU_R                       ? 
_refine.pdbx_overall_ESU_R_Free                  ? 
_refine.pdbx_solvent_vdw_probe_radii             ? 
_refine.pdbx_solvent_ion_probe_radii             ? 
_refine.pdbx_solvent_shrinkage_radii             ? 
_refine.pdbx_real_space_R                        ? 
_refine.pdbx_density_correlation                 ? 
_refine.pdbx_pd_number_of_powder_patterns        ? 
_refine.pdbx_pd_number_of_points                 ? 
_refine.pdbx_pd_meas_number_of_points            ? 
_refine.pdbx_pd_proc_ls_prof_R_factor            ? 
_refine.pdbx_pd_proc_ls_prof_wR_factor           ? 
_refine.pdbx_pd_Marquardt_correlation_coeff      ? 
_refine.pdbx_pd_Fsqrd_R_factor                   ? 
_refine.pdbx_pd_ls_matrix_band_width             ? 
_refine.pdbx_overall_phase_error                 ? 
_refine.pdbx_overall_SU_R_free_Cruickshank_DPI   ? 
_refine.pdbx_overall_SU_R_free_Blow_DPI          ? 
_refine.pdbx_overall_SU_R_Blow_DPI               ? 
_refine.pdbx_TLS_residual_ADP_flag               ? 
_refine.pdbx_diffrn_id                           1 
_refine.overall_SU_B                             ? 
_refine.overall_SU_ML                            ? 
_refine.overall_SU_R_Cruickshank_DPI             ? 
_refine.overall_SU_R_free                        ? 
_refine.overall_FOM_free_R_set                   ? 
_refine.overall_FOM_work_R_set                   ? 
_refine.pdbx_average_fsc_overall                 ? 
_refine.pdbx_average_fsc_work                    ? 
_refine.pdbx_average_fsc_free                    ? 
# 
_refine_hist.pdbx_refine_id                   'X-RAY DIFFRACTION' 
_refine_hist.cycle_id                         LAST 
_refine_hist.pdbx_number_atoms_protein        663 
_refine_hist.pdbx_number_atoms_nucleic_acid   0 
_refine_hist.pdbx_number_atoms_ligand         0 
_refine_hist.number_atoms_solvent             52 
_refine_hist.number_atoms_total               715 
_refine_hist.d_res_high                       2.31 
_refine_hist.d_res_low                        46.878 
# 
_refine_ls_shell.R_factor_R_free                  0.3723 
_refine_ls_shell.R_factor_R_free_error            ? 
_refine_ls_shell.R_factor_R_work                  0.3499 
_refine_ls_shell.R_factor_all                     ? 
_refine_ls_shell.R_factor_obs                     ? 
_refine_ls_shell.d_res_high                       2.31 
_refine_ls_shell.d_res_low                        2.39 
_refine_ls_shell.number_reflns_R_free             ? 
_refine_ls_shell.number_reflns_R_work             ? 
_refine_ls_shell.number_reflns_all                ? 
_refine_ls_shell.number_reflns_obs                793 
_refine_ls_shell.pdbx_fsc_free                    ? 
_refine_ls_shell.pdbx_fsc_work                    ? 
_refine_ls_shell.pdbx_phase_error                 ? 
_refine_ls_shell.pdbx_refine_id                   'X-RAY DIFFRACTION' 
_refine_ls_shell.pdbx_total_number_of_bins_used   ? 
_refine_ls_shell.percent_reflns_R_free            ? 
_refine_ls_shell.percent_reflns_obs               99.8 
_refine_ls_shell.redundancy_reflns_all            ? 
_refine_ls_shell.redundancy_reflns_obs            ? 
_refine_ls_shell.wR_factor_R_free                 ? 
_refine_ls_shell.wR_factor_R_work                 ? 
_refine_ls_shell.wR_factor_all                    ? 
_refine_ls_shell.wR_factor_obs                    ? 
# 
_struct.entry_id                     5ZX1 
_struct.title                        'Crystal structure of ENT domain from T. brucei' 
_struct.pdbx_model_details           ? 
_struct.pdbx_formula_weight          ? 
_struct.pdbx_formula_weight_method   ? 
_struct.pdbx_model_type_details      ? 
_struct.pdbx_CASP_flag               N 
# 
_struct_keywords.entry_id        5ZX1 
_struct_keywords.text            'ENT domain, TRANSCRIPTION' 
_struct_keywords.pdbx_keywords   TRANSCRIPTION 
# 
loop_
_struct_asym.id 
_struct_asym.pdbx_blank_PDB_chainid_flag 
_struct_asym.pdbx_modified 
_struct_asym.entity_id 
_struct_asym.details 
A N N 1 ? 
B N N 2 ? 
# 
loop_
_struct_conf.conf_type_id 
_struct_conf.id 
_struct_conf.pdbx_PDB_helix_id 
_struct_conf.beg_label_comp_id 
_struct_conf.beg_label_asym_id 
_struct_conf.beg_label_seq_id 
_struct_conf.pdbx_beg_PDB_ins_code 
_struct_conf.end_label_comp_id 
_struct_conf.end_label_asym_id 
_struct_conf.end_label_seq_id 
_struct_conf.pdbx_end_PDB_ins_code 
_struct_conf.beg_auth_comp_id 
_struct_conf.beg_auth_asym_id 
_struct_conf.beg_auth_seq_id 
_struct_conf.end_auth_comp_id 
_struct_conf.end_auth_asym_id 
_struct_conf.end_auth_seq_id 
_struct_conf.pdbx_PDB_helix_class 
_struct_conf.details 
_struct_conf.pdbx_PDB_helix_length 
HELX_P HELX_P1 AA1 PRO A 29  ? GLY A 57  ? PRO A 15 GLY A 43 1 ? 29 
HELX_P HELX_P2 AA2 THR A 61  ? LEU A 75  ? THR A 47 LEU A 61 1 ? 15 
HELX_P HELX_P3 AA3 PRO A 78  ? ASP A 92  ? PRO A 64 ASP A 78 1 ? 15 
HELX_P HELX_P4 AA4 ASP A 92  ? GLY A 102 ? ASP A 78 GLY A 88 1 ? 11 
HELX_P HELX_P5 AA5 VAL A 103 ? LYS A 105 ? VAL A 89 LYS A 91 5 ? 3  
HELX_P HELX_P6 AA6 ARG A 106 ? GLU A 111 ? ARG A 92 GLU A 97 1 ? 6  
# 
_struct_conf_type.id          HELX_P 
_struct_conf_type.criteria    ? 
_struct_conf_type.reference   ? 
# 
_atom_sites.entry_id                    5ZX1 
_atom_sites.fract_transf_matrix[1][1]   0.00040688 
_atom_sites.fract_transf_matrix[1][2]   -0.00328223 
_atom_sites.fract_transf_matrix[1][3]   -0.00677814 
_atom_sites.fract_transf_matrix[2][1]   0.00262215 
_atom_sites.fract_transf_matrix[2][2]   0.00642503 
_atom_sites.fract_transf_matrix[2][3]   -0.00295383 
_atom_sites.fract_transf_matrix[3][1]   0.02338378 
_atom_sites.fract_transf_matrix[3][2]   -0.00727773 
_atom_sites.fract_transf_matrix[3][3]   0.00492785 
_atom_sites.fract_transf_vector[1]      0.076431 
_atom_sites.fract_transf_vector[2]      0.896071 
_atom_sites.fract_transf_vector[3]      0.360549 
# 
loop_
_atom_type.symbol 
C 
N 
O 
S 
# 
loop_
_atom_site.group_PDB 
_atom_site.id 
_atom_site.type_symbol 
_atom_site.label_atom_id 
_atom_site.label_alt_id 
_atom_site.label_comp_id 
_atom_site.label_asym_id 
_atom_site.label_entity_id 
_atom_site.label_seq_id 
_atom_site.pdbx_PDB_ins_code 
_atom_site.Cartn_x 
_atom_site.Cartn_y 
_atom_site.Cartn_z 
_atom_site.occupancy 
_atom_site.B_iso_or_equiv 
_atom_site.pdbx_formal_charge 
_atom_site.auth_seq_id 
_atom_site.auth_comp_id 
_atom_site.auth_asym_id 
_atom_site.auth_atom_id 
_atom_site.pdbx_PDB_model_num 
ATOM   1   N N   . VAL A 1 28  ? 15.635  -8.150  -24.273 1.00 88.79  ? 14  VAL A N   1 
ATOM   2   C CA  . VAL A 1 28  ? 14.244  -7.811  -23.992 1.00 81.98  ? 14  VAL A CA  1 
ATOM   3   C C   . VAL A 1 28  ? 13.883  -6.525  -24.720 1.00 74.84  ? 14  VAL A C   1 
ATOM   4   O O   . VAL A 1 28  ? 14.599  -5.529  -24.618 1.00 80.26  ? 14  VAL A O   1 
ATOM   5   C CB  . VAL A 1 28  ? 13.982  -7.665  -22.466 1.00 81.93  ? 14  VAL A CB  1 
ATOM   6   C CG1 . VAL A 1 28  ? 12.489  -7.842  -22.141 1.00 69.31  ? 14  VAL A CG1 1 
ATOM   7   C CG2 . VAL A 1 28  ? 14.820  -8.648  -21.672 1.00 74.70  ? 14  VAL A CG2 1 
ATOM   8   N N   . PRO A 1 29  ? 12.772  -6.542  -25.465 1.00 74.63  ? 15  PRO A N   1 
ATOM   9   C CA  . PRO A 1 29  ? 12.293  -5.292  -26.066 1.00 69.54  ? 15  PRO A CA  1 
ATOM   10  C C   . PRO A 1 29  ? 11.852  -4.285  -24.996 1.00 73.22  ? 15  PRO A C   1 
ATOM   11  O O   . PRO A 1 29  ? 11.447  -4.690  -23.898 1.00 72.38  ? 15  PRO A O   1 
ATOM   12  C CB  . PRO A 1 29  ? 11.110  -5.743  -26.926 1.00 67.97  ? 15  PRO A CB  1 
ATOM   13  C CG  . PRO A 1 29  ? 10.673  -7.035  -26.326 1.00 74.39  ? 15  PRO A CG  1 
ATOM   14  C CD  . PRO A 1 29  ? 11.916  -7.690  -25.798 1.00 70.35  ? 15  PRO A CD  1 
ATOM   15  N N   . ALA A 1 30  ? 11.930  -2.999  -25.324 1.00 72.20  ? 16  ALA A N   1 
ATOM   16  C CA  . ALA A 1 30  ? 11.576  -1.935  -24.397 1.00 72.53  ? 16  ALA A CA  1 
ATOM   17  C C   . ALA A 1 30  ? 10.153  -2.075  -23.865 1.00 73.08  ? 16  ALA A C   1 
ATOM   18  O O   . ALA A 1 30  ? 9.902   -1.736  -22.708 1.00 73.26  ? 16  ALA A O   1 
ATOM   19  C CB  . ALA A 1 30  ? 11.753  -0.574  -25.057 1.00 67.91  ? 16  ALA A CB  1 
ATOM   20  N N   . PHE A 1 31  ? 9.224   -2.578  -24.681 1.00 68.96  ? 17  PHE A N   1 
ATOM   21  C CA  . PHE A 1 31  ? 7.824   -2.599  -24.251 1.00 65.25  ? 17  PHE A CA  1 
ATOM   22  C C   . PHE A 1 31  ? 7.615   -3.668  -23.191 1.00 68.95  ? 17  PHE A C   1 
ATOM   23  O O   . PHE A 1 31  ? 6.697   -3.582  -22.379 1.00 64.61  ? 17  PHE A O   1 
ATOM   24  C CB  . PHE A 1 31  ? 6.863   -2.812  -25.435 1.00 65.36  ? 17  PHE A CB  1 
ATOM   25  C CG  . PHE A 1 31  ? 6.857   -4.226  -26.004 1.00 70.05  ? 17  PHE A CG  1 
ATOM   26  C CD1 . PHE A 1 31  ? 7.727   -4.587  -27.031 1.00 71.34  ? 17  PHE A CD1 1 
ATOM   27  C CD2 . PHE A 1 31  ? 5.955   -5.178  -25.539 1.00 70.59  ? 17  PHE A CD2 1 
ATOM   28  C CE1 . PHE A 1 31  ? 7.711   -5.866  -27.560 1.00 71.01  ? 17  PHE A CE1 1 
ATOM   29  C CE2 . PHE A 1 31  ? 5.938   -6.469  -26.062 1.00 69.15  ? 17  PHE A CE2 1 
ATOM   30  C CZ  . PHE A 1 31  ? 6.820   -6.810  -27.070 1.00 70.01  ? 17  PHE A CZ  1 
ATOM   31  N N   . GLU A 1 32  ? 8.478   -4.676  -23.186 1.00 70.92  ? 18  GLU A N   1 
ATOM   32  C CA  . GLU A 1 32  ? 8.353   -5.748  -22.205 1.00 71.02  ? 18  GLU A CA  1 
ATOM   33  C C   . GLU A 1 32  ? 8.910   -5.253  -20.875 1.00 72.28  ? 18  GLU A C   1 
ATOM   34  O O   . GLU A 1 32  ? 8.280   -5.420  -19.820 1.00 67.33  ? 18  GLU A O   1 
ATOM   35  C CB  . GLU A 1 32  ? 9.080   -7.018  -22.676 1.00 69.04  ? 18  GLU A CB  1 
ATOM   36  C CG  . GLU A 1 32  ? 8.506   -8.311  -22.117 1.00 83.30  ? 18  GLU A CG  1 
ATOM   37  C CD  . GLU A 1 32  ? 7.068   -8.571  -22.564 1.00 86.46  ? 18  GLU A CD  1 
ATOM   38  O OE1 . GLU A 1 32  ? 6.250   -9.026  -21.727 1.00 90.61  ? 18  GLU A OE1 1 
ATOM   39  O OE2 . GLU A 1 32  ? 6.757   -8.320  -23.751 1.00 84.07  ? 18  GLU A OE2 1 
ATOM   40  N N   . LEU A 1 33  ? 10.096  -4.644  -20.949 1.00 72.10  ? 19  LEU A N   1 
ATOM   41  C CA  . LEU A 1 33  ? 10.741  -3.998  -19.813 1.00 66.59  ? 19  LEU A CA  1 
ATOM   42  C C   . LEU A 1 33  ? 9.787   -2.992  -19.120 1.00 69.13  ? 19  LEU A C   1 
ATOM   43  O O   . LEU A 1 33  ? 9.606   -3.035  -17.904 1.00 65.98  ? 19  LEU A O   1 
ATOM   44  C CB  . LEU A 1 33  ? 12.021  -3.299  -20.277 1.00 62.62  ? 19  LEU A CB  1 
ATOM   45  C CG  . LEU A 1 33  ? 13.258  -4.202  -20.271 1.00 67.25  ? 19  LEU A CG  1 
ATOM   46  C CD1 . LEU A 1 33  ? 14.530  -3.432  -20.581 1.00 67.97  ? 19  LEU A CD1 1 
ATOM   47  C CD2 . LEU A 1 33  ? 13.390  -4.909  -18.938 1.00 64.76  ? 19  LEU A CD2 1 
ATOM   48  N N   . TYR A 1 34  ? 9.161   -2.109  -19.894 1.00 64.66  ? 20  TYR A N   1 
ATOM   49  C CA  . TYR A 1 34  ? 8.216   -1.168  -19.316 1.00 64.20  ? 20  TYR A CA  1 
ATOM   50  C C   . TYR A 1 34  ? 7.089   -1.907  -18.615 1.00 63.36  ? 20  TYR A C   1 
ATOM   51  O O   . TYR A 1 34  ? 6.713   -1.555  -17.499 1.00 67.00  ? 20  TYR A O   1 
ATOM   52  C CB  . TYR A 1 34  ? 7.646   -0.221  -20.371 1.00 62.17  ? 20  TYR A CB  1 
ATOM   53  C CG  . TYR A 1 34  ? 6.797   0.857   -19.742 1.00 66.88  ? 20  TYR A CG  1 
ATOM   54  C CD1 . TYR A 1 34  ? 7.379   1.888   -19.024 1.00 65.10  ? 20  TYR A CD1 1 
ATOM   55  C CD2 . TYR A 1 34  ? 5.407   0.824   -19.833 1.00 72.14  ? 20  TYR A CD2 1 
ATOM   56  C CE1 . TYR A 1 34  ? 6.608   2.865   -18.419 1.00 66.72  ? 20  TYR A CE1 1 
ATOM   57  C CE2 . TYR A 1 34  ? 4.627   1.796   -19.242 1.00 67.71  ? 20  TYR A CE2 1 
ATOM   58  C CZ  . TYR A 1 34  ? 5.230   2.817   -18.534 1.00 74.86  ? 20  TYR A CZ  1 
ATOM   59  O OH  . TYR A 1 34  ? 4.453   3.790   -17.935 1.00 66.41  ? 20  TYR A OH  1 
ATOM   60  N N   . LYS A 1 35  ? 6.576   -2.954  -19.255 1.00 69.16  ? 21  LYS A N   1 
ATOM   61  C CA  . LYS A 1 35  ? 5.463   -3.729  -18.720 1.00 64.05  ? 21  LYS A CA  1 
ATOM   62  C C   . LYS A 1 35  ? 5.838   -4.385  -17.394 1.00 66.58  ? 21  LYS A C   1 
ATOM   63  O O   . LYS A 1 35  ? 5.057   -4.385  -16.440 1.00 62.16  ? 21  LYS A O   1 
ATOM   64  C CB  . LYS A 1 35  ? 5.020   -4.796  -19.725 1.00 66.96  ? 21  LYS A CB  1 
ATOM   65  C CG  . LYS A 1 35  ? 3.785   -5.608  -19.280 1.00 70.21  ? 21  LYS A CG  1 
ATOM   66  C CD  . LYS A 1 35  ? 3.845   -7.049  -19.764 1.00 76.84  ? 21  LYS A CD  1 
ATOM   67  C CE  . LYS A 1 35  ? 2.664   -7.870  -19.245 1.00 75.06  ? 21  LYS A CE  1 
ATOM   68  N NZ  . LYS A 1 35  ? 1.367   -7.233  -19.607 1.00 84.13  ? 21  LYS A NZ  1 
ATOM   69  N N   . ALA A 1 36  ? 7.036   -4.958  -17.338 1.00 67.82  ? 22  ALA A N   1 
ATOM   70  C CA  . ALA A 1 36  ? 7.480   -5.607  -16.114 1.00 60.61  ? 22  ALA A CA  1 
ATOM   71  C C   . ALA A 1 36  ? 7.651   -4.555  -15.008 1.00 63.15  ? 22  ALA A C   1 
ATOM   72  O O   . ALA A 1 36  ? 7.264   -4.778  -13.868 1.00 66.92  ? 22  ALA A O   1 
ATOM   73  C CB  . ALA A 1 36  ? 8.783   -6.375  -16.356 1.00 61.11  ? 22  ALA A CB  1 
ATOM   74  N N   . ALA A 1 37  ? 8.203   -3.398  -15.361 1.00 64.03  ? 23  ALA A N   1 
ATOM   75  C CA  . ALA A 1 37  ? 8.390   -2.303  -14.411 1.00 61.47  ? 23  ALA A CA  1 
ATOM   76  C C   . ALA A 1 37  ? 7.055   -1.674  -13.984 1.00 59.97  ? 23  ALA A C   1 
ATOM   77  O O   . ALA A 1 37  ? 6.808   -1.458  -12.794 1.00 58.84  ? 23  ALA A O   1 
ATOM   78  C CB  . ALA A 1 37  ? 9.297   -1.253  -15.006 1.00 59.17  ? 23  ALA A CB  1 
ATOM   79  N N   . ARG A 1 38  ? 6.203   -1.359  -14.948 1.00 59.64  ? 24  ARG A N   1 
ATOM   80  C CA  . ARG A 1 38  ? 4.899   -0.776  -14.625 1.00 59.97  ? 24  ARG A CA  1 
ATOM   81  C C   . ARG A 1 38  ? 4.175   -1.635  -13.602 1.00 62.08  ? 24  ARG A C   1 
ATOM   82  O O   . ARG A 1 38  ? 3.829   -1.174  -12.524 1.00 62.78  ? 24  ARG A O   1 
ATOM   83  C CB  . ARG A 1 38  ? 4.047   -0.629  -15.878 1.00 67.86  ? 24  ARG A CB  1 
ATOM   84  C CG  . ARG A 1 38  ? 2.872   0.320   -15.688 1.00 68.38  ? 24  ARG A CG  1 
ATOM   85  C CD  . ARG A 1 38  ? 3.340   1.553   -14.964 1.00 70.79  ? 24  ARG A CD  1 
ATOM   86  N NE  . ARG A 1 38  ? 2.337   2.607   -14.857 1.00 76.46  ? 24  ARG A NE  1 
ATOM   87  C CZ  . ARG A 1 38  ? 2.478   3.668   -14.065 1.00 76.58  ? 24  ARG A CZ  1 
ATOM   88  N NH1 . ARG A 1 38  ? 1.531   4.604   -14.012 1.00 71.13  ? 24  ARG A NH1 1 
ATOM   89  N NH2 . ARG A 1 38  ? 3.579   3.792   -13.324 1.00 69.77  ? 24  ARG A NH2 1 
ATOM   90  N N   . GLU A 1 39  ? 4.009   -2.913  -13.918 1.00 64.84  ? 25  GLU A N   1 
ATOM   91  C CA  . GLU A 1 39  ? 3.345   -3.852  -13.019 1.00 67.74  ? 25  GLU A CA  1 
ATOM   92  C C   . GLU A 1 39  ? 3.992   -3.912  -11.621 1.00 64.67  ? 25  GLU A C   1 
ATOM   93  O O   . GLU A 1 39  ? 3.315   -4.131  -10.619 1.00 64.09  ? 25  GLU A O   1 
ATOM   94  C CB  . GLU A 1 39  ? 3.318   -5.247  -13.650 1.00 62.04  ? 25  GLU A CB  1 
ATOM   95  C CG  . GLU A 1 39  ? 2.283   -5.374  -14.757 1.00 76.41  ? 25  GLU A CG  1 
ATOM   96  C CD  . GLU A 1 39  ? 2.419   -6.655  -15.568 1.00 82.61  ? 25  GLU A CD  1 
ATOM   97  O OE1 . GLU A 1 39  ? 3.404   -7.412  -15.363 1.00 75.39  ? 25  GLU A OE1 1 
ATOM   98  O OE2 . GLU A 1 39  ? 1.521   -6.905  -16.405 1.00 86.84  ? 25  GLU A OE2 1 
ATOM   99  N N   . GLU A 1 40  ? 5.297   -3.715  -11.542 1.00 65.19  ? 26  GLU A N   1 
ATOM   100 C CA  . GLU A 1 40  ? 5.930   -3.684  -10.234 1.00 68.29  ? 26  GLU A CA  1 
ATOM   101 C C   . GLU A 1 40  ? 5.630   -2.371  -9.510  1.00 63.47  ? 26  GLU A C   1 
ATOM   102 O O   . GLU A 1 40  ? 5.339   -2.373  -8.315  1.00 59.54  ? 26  GLU A O   1 
ATOM   103 C CB  . GLU A 1 40  ? 7.423   -3.906  -10.364 1.00 59.56  ? 26  GLU A CB  1 
ATOM   104 C CG  . GLU A 1 40  ? 7.736   -5.330  -10.745 1.00 68.61  ? 26  GLU A CG  1 
ATOM   105 C CD  . GLU A 1 40  ? 9.044   -5.825  -10.150 1.00 71.09  ? 26  GLU A CD  1 
ATOM   106 O OE1 . GLU A 1 40  ? 9.545   -5.174  -9.211  1.00 73.86  ? 26  GLU A OE1 1 
ATOM   107 O OE2 . GLU A 1 40  ? 9.566   -6.863  -10.617 1.00 75.33  ? 26  GLU A OE2 1 
ATOM   108 N N   . GLU A 1 41  ? 5.693   -1.261  -10.234 1.00 62.69  ? 27  GLU A N   1 
ATOM   109 C CA  . GLU A 1 41  ? 5.281   0.017   -9.680  1.00 63.39  ? 27  GLU A CA  1 
ATOM   110 C C   . GLU A 1 41  ? 3.912   -0.108  -9.026  1.00 62.51  ? 27  GLU A C   1 
ATOM   111 O O   . GLU A 1 41  ? 3.724   0.297   -7.869  1.00 61.66  ? 27  GLU A O   1 
ATOM   112 C CB  . GLU A 1 41  ? 5.246   1.103   -10.752 1.00 59.40  ? 27  GLU A CB  1 
ATOM   113 C CG  . GLU A 1 41  ? 6.605   1.538   -11.239 1.00 58.81  ? 27  GLU A CG  1 
ATOM   114 C CD  . GLU A 1 41  ? 6.505   2.664   -12.251 1.00 63.52  ? 27  GLU A CD  1 
ATOM   115 O OE1 . GLU A 1 41  ? 7.112   3.734   -12.028 1.00 67.52  ? 27  GLU A OE1 1 
ATOM   116 O OE2 . GLU A 1 41  ? 5.790   2.504   -13.265 1.00 70.57  ? 27  GLU A OE2 1 
ATOM   117 N N   . LEU A 1 42  ? 2.961   -0.692  -9.744  1.00 61.87  ? 28  LEU A N   1 
ATOM   118 C CA  . LEU A 1 42  ? 1.610   -0.759  -9.205  1.00 71.38  ? 28  LEU A CA  1 
ATOM   119 C C   . LEU A 1 42  ? 1.506   -1.791  -8.092  1.00 68.42  ? 28  LEU A C   1 
ATOM   120 O O   . LEU A 1 42  ? 0.724   -1.631  -7.157  1.00 63.53  ? 28  LEU A O   1 
ATOM   121 C CB  . LEU A 1 42  ? 0.581   -1.054  -10.299 1.00 64.71  ? 28  LEU A CB  1 
ATOM   122 C CG  . LEU A 1 42  ? 0.486   0.027   -11.384 1.00 78.56  ? 28  LEU A CG  1 
ATOM   123 C CD1 . LEU A 1 42  ? 0.980   -0.477  -12.731 1.00 74.87  ? 28  LEU A CD1 1 
ATOM   124 C CD2 . LEU A 1 42  ? -0.925  0.557   -11.519 1.00 80.12  ? 28  LEU A CD2 1 
ATOM   125 N N   . CYS A 1 43  ? 2.303   -2.839  -8.168  1.00 65.33  ? 29  CYS A N   1 
ATOM   126 C CA  . CYS A 1 43  ? 2.258   -3.805  -7.090  1.00 68.28  ? 29  CYS A CA  1 
ATOM   127 C C   . CYS A 1 43  ? 2.839   -3.168  -5.851  1.00 65.79  ? 29  CYS A C   1 
ATOM   128 O O   . CYS A 1 43  ? 2.299   -3.331  -4.755  1.00 60.29  ? 29  CYS A O   1 
ATOM   129 C CB  . CYS A 1 43  ? 3.011   -5.080  -7.440  1.00 67.85  ? 29  CYS A CB  1 
ATOM   130 S SG  . CYS A 1 43  ? 1.956   -6.249  -8.279  1.00 87.68  ? 29  CYS A SG  1 
ATOM   131 N N   . SER A 1 44  ? 3.931   -2.428  -6.023  1.00 66.87  ? 30  SER A N   1 
ATOM   132 C CA  . SER A 1 44  ? 4.606   -1.850  -4.872  1.00 66.70  ? 30  SER A CA  1 
ATOM   133 C C   . SER A 1 44  ? 3.697   -0.821  -4.197  1.00 64.17  ? 30  SER A C   1 
ATOM   134 O O   . SER A 1 44  ? 3.658   -0.743  -2.967  1.00 63.78  ? 30  SER A O   1 
ATOM   135 C CB  . SER A 1 44  ? 5.943   -1.232  -5.263  1.00 62.34  ? 30  SER A CB  1 
ATOM   136 O OG  . SER A 1 44  ? 5.855   0.161   -5.462  1.00 72.86  ? 30  SER A OG  1 
ATOM   137 N N   . TYR A 1 45  ? 2.933   -0.064  -4.979  1.00 63.91  ? 31  TYR A N   1 
ATOM   138 C CA  . TYR A 1 45  ? 1.983   0.862   -4.365  1.00 61.81  ? 31  TYR A CA  1 
ATOM   139 C C   . TYR A 1 45  ? 0.880   0.097   -3.615  1.00 63.93  ? 31  TYR A C   1 
ATOM   140 O O   . TYR A 1 45  ? 0.489   0.477   -2.502  1.00 65.63  ? 31  TYR A O   1 
ATOM   141 C CB  . TYR A 1 45  ? 1.366   1.807   -5.402  1.00 58.56  ? 31  TYR A CB  1 
ATOM   142 C CG  . TYR A 1 45  ? 0.698   3.011   -4.754  1.00 63.17  ? 31  TYR A CG  1 
ATOM   143 C CD1 . TYR A 1 45  ? 1.460   4.062   -4.258  1.00 60.68  ? 31  TYR A CD1 1 
ATOM   144 C CD2 . TYR A 1 45  ? -0.684  3.087   -4.628  1.00 63.21  ? 31  TYR A CD2 1 
ATOM   145 C CE1 . TYR A 1 45  ? 0.882   5.143   -3.659  1.00 60.31  ? 31  TYR A CE1 1 
ATOM   146 C CE2 . TYR A 1 45  ? -1.293  4.185   -4.025  1.00 62.97  ? 31  TYR A CE2 1 
ATOM   147 C CZ  . TYR A 1 45  ? -0.494  5.211   -3.542  1.00 64.45  ? 31  TYR A CZ  1 
ATOM   148 O OH  . TYR A 1 45  ? -1.051  6.312   -2.935  1.00 58.69  ? 31  TYR A OH  1 
ATOM   149 N N   . ARG A 1 46  ? 0.380   -0.976  -4.218  1.00 64.77  ? 32  ARG A N   1 
ATOM   150 C CA  . ARG A 1 46  ? -0.702  -1.754  -3.619  1.00 65.43  ? 32  ARG A CA  1 
ATOM   151 C C   . ARG A 1 46  ? -0.302  -2.268  -2.241  1.00 62.57  ? 32  ARG A C   1 
ATOM   152 O O   . ARG A 1 46  ? -0.988  -2.044  -1.237  1.00 58.90  ? 32  ARG A O   1 
ATOM   153 C CB  . ARG A 1 46  ? -1.081  -2.933  -4.524  1.00 69.03  ? 32  ARG A CB  1 
ATOM   154 C CG  . ARG A 1 46  ? -2.192  -3.808  -3.958  1.00 69.84  ? 32  ARG A CG  1 
ATOM   155 C CD  . ARG A 1 46  ? -2.350  -5.084  -4.752  1.00 72.26  ? 32  ARG A CD  1 
ATOM   156 N NE  . ARG A 1 46  ? -3.238  -6.027  -4.070  1.00 84.75  ? 32  ARG A NE  1 
ATOM   157 C CZ  . ARG A 1 46  ? -2.841  -7.135  -3.444  1.00 85.49  ? 32  ARG A CZ  1 
ATOM   158 N NH1 . ARG A 1 46  ? -3.742  -7.914  -2.853  1.00 80.06  ? 32  ARG A NH1 1 
ATOM   159 N NH2 . ARG A 1 46  ? -1.554  -7.476  -3.409  1.00 83.61  ? 32  ARG A NH2 1 
ATOM   160 N N   . SER A 1 47  ? 0.836   -2.943  -2.194  1.00 59.13  ? 33  SER A N   1 
ATOM   161 C CA  . SER A 1 47  ? 1.301   -3.508  -0.956  1.00 59.13  ? 33  SER A CA  1 
ATOM   162 C C   . SER A 1 47  ? 1.562   -2.393  0.057   1.00 62.83  ? 33  SER A C   1 
ATOM   163 O O   . SER A 1 47  ? 1.479   -2.611  1.271   1.00 67.89  ? 33  SER A O   1 
ATOM   164 C CB  . SER A 1 47  ? 2.559   -4.334  -1.194  1.00 57.64  ? 33  SER A CB  1 
ATOM   165 O OG  . SER A 1 47  ? 3.654   -3.467  -1.369  1.00 68.74  ? 33  SER A OG  1 
ATOM   166 N N   . LEU A 1 48  ? 1.853   -1.194  -0.439  1.00 59.33  ? 34  LEU A N   1 
ATOM   167 C CA  . LEU A 1 48  ? 2.064   -0.038  0.425   1.00 58.89  ? 34  LEU A CA  1 
ATOM   168 C C   . LEU A 1 48  ? 0.776   0.400   1.105   1.00 57.22  ? 34  LEU A C   1 
ATOM   169 O O   . LEU A 1 48  ? 0.766   0.708   2.294   1.00 56.04  ? 34  LEU A O   1 
ATOM   170 C CB  . LEU A 1 48  ? 2.631   1.129   -0.379  1.00 65.27  ? 34  LEU A CB  1 
ATOM   171 C CG  . LEU A 1 48  ? 4.032   1.634   -0.057  1.00 70.34  ? 34  LEU A CG  1 
ATOM   172 C CD1 . LEU A 1 48  ? 4.177   3.009   -0.668  1.00 72.47  ? 34  LEU A CD1 1 
ATOM   173 C CD2 . LEU A 1 48  ? 4.257   1.686   1.435   1.00 63.50  ? 34  LEU A CD2 1 
ATOM   174 N N   . CYS A 1 49  ? -0.307  0.464   0.341   1.00 58.13  ? 35  CYS A N   1 
ATOM   175 C CA  . CYS A 1 49  ? -1.602  0.795   0.928   1.00 58.09  ? 35  CYS A CA  1 
ATOM   176 C C   . CYS A 1 49  ? -2.042  -0.221  1.994   1.00 59.88  ? 35  CYS A C   1 
ATOM   177 O O   . CYS A 1 49  ? -2.479  0.153   3.076   1.00 60.29  ? 35  CYS A O   1 
ATOM   178 C CB  . CYS A 1 49  ? -2.656  0.883   -0.171  1.00 58.47  ? 35  CYS A CB  1 
ATOM   179 S SG  . CYS A 1 49  ? -2.486  2.356   -1.189  1.00 64.51  ? 35  CYS A SG  1 
ATOM   180 N N   . ARG A 1 50  ? -1.921  -1.507  1.685   1.00 62.25  ? 36  ARG A N   1 
ATOM   181 C CA  . ARG A 1 50  ? -2.458  -2.551  2.558   1.00 63.82  ? 36  ARG A CA  1 
ATOM   182 C C   . ARG A 1 50  ? -1.771  -2.499  3.907   1.00 64.52  ? 36  ARG A C   1 
ATOM   183 O O   . ARG A 1 50  ? -2.405  -2.391  4.968   1.00 64.08  ? 36  ARG A O   1 
ATOM   184 C CB  . ARG A 1 50  ? -2.282  -3.935  1.924   1.00 64.02  ? 36  ARG A CB  1 
ATOM   185 C CG  . ARG A 1 50  ? -2.905  -4.044  0.550   1.00 68.98  ? 36  ARG A CG  1 
ATOM   186 C CD  . ARG A 1 50  ? -2.251  -5.136  -0.275  1.00 67.59  ? 36  ARG A CD  1 
ATOM   187 N NE  . ARG A 1 50  ? -2.178  -6.376  0.478   1.00 68.66  ? 36  ARG A NE  1 
ATOM   188 C CZ  . ARG A 1 50  ? -3.211  -7.177  0.719   1.00 75.93  ? 36  ARG A CZ  1 
ATOM   189 N NH1 . ARG A 1 50  ? -4.427  -6.877  0.278   1.00 71.77  ? 36  ARG A NH1 1 
ATOM   190 N NH2 . ARG A 1 50  ? -3.017  -8.274  1.429   1.00 65.13  ? 36  ARG A NH2 1 
ATOM   191 N N   . VAL A 1 51  ? -0.455  -2.552  3.834   1.00 56.34  ? 37  VAL A N   1 
ATOM   192 C CA  . VAL A 1 51  ? 0.400   -2.536  4.989   1.00 58.73  ? 37  VAL A CA  1 
ATOM   193 C C   . VAL A 1 51  ? 0.252   -1.259  5.841   1.00 62.28  ? 37  VAL A C   1 
ATOM   194 O O   . VAL A 1 51  ? 0.203   -1.328  7.068   1.00 65.14  ? 37  VAL A O   1 
ATOM   195 C CB  . VAL A 1 51  ? 1.841   -2.752  4.500   1.00 58.06  ? 37  VAL A CB  1 
ATOM   196 C CG1 . VAL A 1 51  ? 2.814   -2.121  5.406   1.00 63.70  ? 37  VAL A CG1 1 
ATOM   197 C CG2 . VAL A 1 51  ? 2.117   -4.224  4.364   1.00 59.69  ? 37  VAL A CG2 1 
ATOM   198 N N   . LEU A 1 52  ? 0.165   -0.092  5.222   1.00 61.50  ? 38  LEU A N   1 
ATOM   199 C CA  . LEU A 1 52  ? -0.024  1.112   6.027   1.00 62.42  ? 38  LEU A CA  1 
ATOM   200 C C   . LEU A 1 52  ? -1.407  1.100   6.689   1.00 64.27  ? 38  LEU A C   1 
ATOM   201 O O   . LEU A 1 52  ? -1.601  1.677   7.767   1.00 61.89  ? 38  LEU A O   1 
ATOM   202 C CB  . LEU A 1 52  ? 0.162   2.375   5.183   1.00 60.04  ? 38  LEU A CB  1 
ATOM   203 C CG  . LEU A 1 52  ? 1.616   2.625   4.789   1.00 60.63  ? 38  LEU A CG  1 
ATOM   204 C CD1 . LEU A 1 52  ? 1.842   4.039   4.251   1.00 58.67  ? 38  LEU A CD1 1 
ATOM   205 C CD2 . LEU A 1 52  ? 2.548   2.318   5.956   1.00 58.51  ? 38  LEU A CD2 1 
ATOM   206 N N   . CYS A 1 53  ? -2.362  0.421   6.059   1.00 60.80  ? 39  CYS A N   1 
ATOM   207 C CA  . CYS A 1 53  ? -3.684  0.274   6.656   1.00 68.52  ? 39  CYS A CA  1 
ATOM   208 C C   . CYS A 1 53  ? -3.704  -0.795  7.755   1.00 66.38  ? 39  CYS A C   1 
ATOM   209 O O   . CYS A 1 53  ? -4.512  -0.728  8.677   1.00 70.38  ? 39  CYS A O   1 
ATOM   210 C CB  . CYS A 1 53  ? -4.711  -0.061  5.584   1.00 59.87  ? 39  CYS A CB  1 
ATOM   211 S SG  . CYS A 1 53  ? -5.001  1.274   4.457   1.00 69.76  ? 39  CYS A SG  1 
ATOM   212 N N   . MET A 1 54  ? -2.830  -1.788  7.661   1.00 64.28  ? 40  MET A N   1 
ATOM   213 C CA  . MET A 1 54  ? -2.747  -2.782  8.719   1.00 63.41  ? 40  MET A CA  1 
ATOM   214 C C   . MET A 1 54  ? -2.296  -2.143  10.021  1.00 66.64  ? 40  MET A C   1 
ATOM   215 O O   . MET A 1 54  ? -2.706  -2.562  11.105  1.00 73.91  ? 40  MET A O   1 
ATOM   216 C CB  . MET A 1 54  ? -1.791  -3.899  8.343   1.00 64.26  ? 40  MET A CB  1 
ATOM   217 C CG  . MET A 1 54  ? -2.327  -4.853  7.313   1.00 64.69  ? 40  MET A CG  1 
ATOM   218 S SD  . MET A 1 54  ? -1.022  -6.047  6.953   1.00 65.87  ? 40  MET A SD  1 
ATOM   219 C CE  . MET A 1 54  ? -1.773  -6.998  5.624   1.00 64.72  ? 40  MET A CE  1 
ATOM   220 N N   . HIS A 1 55  ? -1.455  -1.125  9.912   1.00 64.45  ? 41  HIS A N   1 
ATOM   221 C CA  . HIS A 1 55  ? -0.896  -0.470  11.088  1.00 63.22  ? 41  HIS A CA  1 
ATOM   222 C C   . HIS A 1 55  ? -1.788  0.613   11.661  1.00 64.69  ? 41  HIS A C   1 
ATOM   223 O O   . HIS A 1 55  ? -1.765  0.859   12.862  1.00 66.36  ? 41  HIS A O   1 
ATOM   224 C CB  . HIS A 1 55  ? 0.461   0.141   10.760  1.00 65.40  ? 41  HIS A CB  1 
ATOM   225 C CG  . HIS A 1 55  ? 1.601   -0.812  10.894  1.00 58.71  ? 41  HIS A CG  1 
ATOM   226 N ND1 . HIS A 1 55  ? 2.095   -1.539  9.831   1.00 64.31  ? 41  HIS A ND1 1 
ATOM   227 C CD2 . HIS A 1 55  ? 2.363   -1.155  11.966  1.00 68.38  ? 41  HIS A CD2 1 
ATOM   228 C CE1 . HIS A 1 55  ? 3.111   -2.285  10.237  1.00 62.82  ? 41  HIS A CE1 1 
ATOM   229 N NE2 . HIS A 1 55  ? 3.294   -2.065  11.530  1.00 67.28  ? 41  HIS A NE2 1 
ATOM   230 N N   . SER A 1 56  ? -2.574  1.250   10.801  1.00 65.76  ? 42  SER A N   1 
ATOM   231 C CA  . SER A 1 56  ? -3.267  2.476   11.161  1.00 71.75  ? 42  SER A CA  1 
ATOM   232 C C   . SER A 1 56  ? -4.756  2.255   11.275  1.00 72.46  ? 42  SER A C   1 
ATOM   233 O O   . SER A 1 56  ? -5.520  3.181   11.585  1.00 76.19  ? 42  SER A O   1 
ATOM   234 C CB  . SER A 1 56  ? -3.010  3.549   10.108  1.00 69.59  ? 42  SER A CB  1 
ATOM   235 O OG  . SER A 1 56  ? -3.991  3.430   9.074   1.00 73.18  ? 42  SER A OG  1 
ATOM   236 N N   . GLY A 1 57  ? -5.169  1.030   10.985  1.00 72.94  ? 43  GLY A N   1 
ATOM   237 C CA  . GLY A 1 57  ? -6.577  0.705   10.913  1.00 70.13  ? 43  GLY A CA  1 
ATOM   238 C C   . GLY A 1 57  ? -7.258  1.627   9.927   1.00 80.65  ? 43  GLY A C   1 
ATOM   239 O O   . GLY A 1 57  ? -8.404  2.028   10.136  1.00 79.24  ? 43  GLY A O   1 
ATOM   240 N N   . GLY A 1 58  ? -6.529  1.987   8.868   1.00 80.26  ? 44  GLY A N   1 
ATOM   241 C CA  . GLY A 1 58  ? -7.059  2.812   7.795   1.00 73.75  ? 44  GLY A CA  1 
ATOM   242 C C   . GLY A 1 58  ? -6.980  4.319   7.995   1.00 81.29  ? 44  GLY A C   1 
ATOM   243 O O   . GLY A 1 58  ? -7.075  5.075   7.017   1.00 85.38  ? 44  GLY A O   1 
ATOM   244 N N   . LYS A 1 59  ? -6.823  4.762   9.244   1.00 73.49  ? 45  LYS A N   1 
ATOM   245 C CA  . LYS A 1 59  ? -6.762  6.198   9.536   1.00 80.75  ? 45  LYS A CA  1 
ATOM   246 C C   . LYS A 1 59  ? -5.297  6.660   9.622   1.00 72.98  ? 45  LYS A C   1 
ATOM   247 O O   . LYS A 1 59  ? -4.628  6.473   10.641  1.00 71.33  ? 45  LYS A O   1 
ATOM   248 C CB  . LYS A 1 59  ? -7.546  6.508   10.821  1.00 77.08  ? 45  LYS A CB  1 
ATOM   249 C CG  . LYS A 1 59  ? -7.159  7.804   11.513  1.00 91.24  ? 45  LYS A CG  1 
ATOM   250 C CD  . LYS A 1 59  ? -7.746  9.020   10.805  1.00 87.18  ? 45  LYS A CD  1 
ATOM   251 C CE  . LYS A 1 59  ? -6.880  10.261  11.033  1.00 82.94  ? 45  LYS A CE  1 
ATOM   252 N NZ  . LYS A 1 59  ? -6.720  11.083  9.800   1.00 82.07  ? 45  LYS A NZ  1 
ATOM   253 N N   . LEU A 1 60  ? -4.813  7.261   8.530   1.00 75.73  ? 46  LEU A N   1 
ATOM   254 C CA  . LEU A 1 60  ? -3.369  7.358   8.263   1.00 63.87  ? 46  LEU A CA  1 
ATOM   255 C C   . LEU A 1 60  ? -2.650  8.527   8.945   1.00 67.55  ? 46  LEU A C   1 
ATOM   256 O O   . LEU A 1 60  ? -3.141  9.655   8.921   1.00 63.58  ? 46  LEU A O   1 
ATOM   257 C CB  . LEU A 1 60  ? -3.145  7.460   6.755   1.00 66.05  ? 46  LEU A CB  1 
ATOM   258 C CG  . LEU A 1 60  ? -3.573  6.317   5.833   1.00 66.05  ? 46  LEU A CG  1 
ATOM   259 C CD1 . LEU A 1 60  ? -3.290  6.723   4.412   1.00 65.49  ? 46  LEU A CD1 1 
ATOM   260 C CD2 . LEU A 1 60  ? -2.820  5.041   6.156   1.00 63.44  ? 46  LEU A CD2 1 
ATOM   261 N N   . THR A 1 61  ? -1.475  8.272   9.524   1.00 60.28  ? 47  THR A N   1 
ATOM   262 C CA  . THR A 1 61  ? -0.681  9.345   10.112  1.00 55.95  ? 47  THR A CA  1 
ATOM   263 C C   . THR A 1 61  ? -0.163  10.282  9.028   1.00 58.47  ? 47  THR A C   1 
ATOM   264 O O   . THR A 1 61  ? -0.172  9.937   7.848   1.00 64.03  ? 47  THR A O   1 
ATOM   265 C CB  . THR A 1 61  ? 0.529   8.804   10.924  1.00 59.89  ? 47  THR A CB  1 
ATOM   266 O OG1 . THR A 1 61  ? 1.480   8.230   10.027  1.00 55.84  ? 47  THR A OG1 1 
ATOM   267 C CG2 . THR A 1 61  ? 0.103   7.751   11.938  1.00 59.89  ? 47  THR A CG2 1 
ATOM   268 N N   . LYS A 1 62  ? 0.291   11.468  9.427   1.00 59.12  ? 48  LYS A N   1 
ATOM   269 C CA  . LYS A 1 62  ? 0.904   12.420  8.502   1.00 59.56  ? 48  LYS A CA  1 
ATOM   270 C C   . LYS A 1 62  ? 2.097   11.791  7.752   1.00 59.05  ? 48  LYS A C   1 
ATOM   271 O O   . LYS A 1 62  ? 2.267   11.993  6.555   1.00 57.44  ? 48  LYS A O   1 
ATOM   272 C CB  . LYS A 1 62  ? 1.352   13.683  9.261   1.00 59.86  ? 48  LYS A CB  1 
ATOM   273 C CG  . LYS A 1 62  ? 2.011   14.761  8.394   1.00 57.49  ? 48  LYS A CG  1 
ATOM   274 C CD  . LYS A 1 62  ? 2.653   15.827  9.258   1.00 61.12  ? 48  LYS A CD  1 
ATOM   275 C CE  . LYS A 1 62  ? 3.907   15.294  9.952   1.00 61.98  ? 48  LYS A CE  1 
ATOM   276 N NZ  . LYS A 1 62  ? 4.506   16.304  10.891  1.00 62.86  ? 48  LYS A NZ  1 
ATOM   277 N N   . GLN A 1 63  ? 2.902   11.006  8.451   1.00 54.30  ? 49  GLN A N   1 
ATOM   278 C CA  . GLN A 1 63  ? 4.035   10.350  7.812   1.00 59.81  ? 49  GLN A CA  1 
ATOM   279 C C   . GLN A 1 63  ? 3.513   9.368   6.773   1.00 57.94  ? 49  GLN A C   1 
ATOM   280 O O   . GLN A 1 63  ? 3.965   9.361   5.626   1.00 59.90  ? 49  GLN A O   1 
ATOM   281 C CB  . GLN A 1 63  ? 4.916   9.630   8.845   1.00 52.37  ? 49  GLN A CB  1 
ATOM   282 C CG  . GLN A 1 63  ? 6.016   8.793   8.222   1.00 62.25  ? 49  GLN A CG  1 
ATOM   283 C CD  . GLN A 1 63  ? 7.097   8.386   9.221   1.00 60.95  ? 49  GLN A CD  1 
ATOM   284 O OE1 . GLN A 1 63  ? 7.913   9.203   9.657   1.00 71.98  ? 49  GLN A OE1 1 
ATOM   285 N NE2 . GLN A 1 63  ? 7.118   7.115   9.569   1.00 65.42  ? 49  GLN A NE2 1 
ATOM   286 N N   . GLN A 1 64  ? 2.535   8.556   7.158   1.00 57.79  ? 50  GLN A N   1 
ATOM   287 C CA  . GLN A 1 64  ? 2.017   7.548   6.242   1.00 57.69  ? 50  GLN A CA  1 
ATOM   288 C C   . GLN A 1 64  ? 1.390   8.216   5.027   1.00 59.64  ? 50  GLN A C   1 
ATOM   289 O O   . GLN A 1 64  ? 1.561   7.739   3.902   1.00 65.16  ? 50  GLN A O   1 
ATOM   290 C CB  . GLN A 1 64  ? 1.022   6.633   6.956   1.00 57.02  ? 50  GLN A CB  1 
ATOM   291 C CG  . GLN A 1 64  ? 1.708   5.714   7.949   1.00 57.18  ? 50  GLN A CG  1 
ATOM   292 C CD  . GLN A 1 64  ? 0.749   5.096   8.954   1.00 65.12  ? 50  GLN A CD  1 
ATOM   293 O OE1 . GLN A 1 64  ? -0.412  5.511   9.068   1.00 62.84  ? 50  GLN A OE1 1 
ATOM   294 N NE2 . GLN A 1 64  ? 1.233   4.106   9.693   1.00 53.74  ? 50  GLN A NE2 1 
ATOM   295 N N   . ARG A 1 65  ? 0.693   9.329   5.236   1.00 59.88  ? 51  ARG A N   1 
ATOM   296 C CA  . ARG A 1 65  ? 0.111   10.058  4.104   1.00 66.33  ? 51  ARG A CA  1 
ATOM   297 C C   . ARG A 1 65  ? 1.224   10.560  3.189   1.00 64.18  ? 51  ARG A C   1 
ATOM   298 O O   . ARG A 1 65  ? 1.133   10.475  1.957   1.00 64.63  ? 51  ARG A O   1 
ATOM   299 C CB  . ARG A 1 65  ? -0.746  11.235  4.580   1.00 59.11  ? 51  ARG A CB  1 
ATOM   300 C CG  . ARG A 1 65  ? -2.024  10.816  5.284   1.00 61.24  ? 51  ARG A CG  1 
ATOM   301 C CD  . ARG A 1 65  ? -3.034  11.974  5.391   1.00 63.37  ? 51  ARG A CD  1 
ATOM   302 N NE  . ARG A 1 65  ? -2.472  13.148  6.071   1.00 68.76  ? 51  ARG A NE  1 
ATOM   303 C CZ  . ARG A 1 65  ? -2.237  13.234  7.383   1.00 69.07  ? 51  ARG A CZ  1 
ATOM   304 N NH1 . ARG A 1 65  ? -2.506  12.212  8.191   1.00 67.44  ? 51  ARG A NH1 1 
ATOM   305 N NH2 . ARG A 1 65  ? -1.716  14.349  7.897   1.00 69.45  ? 51  ARG A NH2 1 
ATOM   306 N N   . ARG A 1 66  ? 2.288   11.062  3.796   1.00 59.33  ? 52  ARG A N   1 
ATOM   307 C CA  . ARG A 1 66  ? 3.406   11.589  3.018   1.00 63.00  ? 52  ARG A CA  1 
ATOM   308 C C   . ARG A 1 66  ? 4.142   10.501  2.255   1.00 58.04  ? 52  ARG A C   1 
ATOM   309 O O   . ARG A 1 66  ? 4.732   10.765  1.217   1.00 58.49  ? 52  ARG A O   1 
ATOM   310 C CB  . ARG A 1 66  ? 4.385   12.330  3.925   1.00 59.60  ? 52  ARG A CB  1 
ATOM   311 C CG  . ARG A 1 66  ? 3.793   13.572  4.536   1.00 58.26  ? 52  ARG A CG  1 
ATOM   312 C CD  . ARG A 1 66  ? 4.857   14.446  5.169   1.00 60.30  ? 52  ARG A CD  1 
ATOM   313 N NE  . ARG A 1 66  ? 4.305   15.743  5.539   1.00 56.34  ? 52  ARG A NE  1 
ATOM   314 C CZ  . ARG A 1 66  ? 4.908   16.605  6.345   1.00 61.20  ? 52  ARG A CZ  1 
ATOM   315 N NH1 . ARG A 1 66  ? 6.103   16.306  6.855   1.00 55.46  ? 52  ARG A NH1 1 
ATOM   316 N NH2 . ARG A 1 66  ? 4.318   17.767  6.633   1.00 55.91  ? 52  ARG A NH2 1 
ATOM   317 N N   . ILE A 1 67  ? 4.139   9.284   2.780   1.00 58.35  ? 53  ILE A N   1 
ATOM   318 C CA  . ILE A 1 67  ? 4.783   8.184   2.074   1.00 59.30  ? 53  ILE A CA  1 
ATOM   319 C C   . ILE A 1 67  ? 3.970   7.833   0.837   1.00 59.57  ? 53  ILE A C   1 
ATOM   320 O O   . ILE A 1 67  ? 4.515   7.624   -0.242  1.00 56.95  ? 53  ILE A O   1 
ATOM   321 C CB  . ILE A 1 67  ? 4.952   6.971   2.969   1.00 58.42  ? 53  ILE A CB  1 
ATOM   322 C CG1 . ILE A 1 67  ? 6.056   7.236   3.991   1.00 57.14  ? 53  ILE A CG1 1 
ATOM   323 C CG2 . ILE A 1 67  ? 5.250   5.736   2.125   1.00 55.53  ? 53  ILE A CG2 1 
ATOM   324 C CD1 . ILE A 1 67  ? 6.058   6.238   5.124   1.00 60.16  ? 53  ILE A CD1 1 
ATOM   325 N N   . LEU A 1 68  ? 2.655   7.799   0.992   1.00 56.43  ? 54  LEU A N   1 
ATOM   326 C CA  . LEU A 1 68  ? 1.799   7.496   -0.139  1.00 58.89  ? 54  LEU A CA  1 
ATOM   327 C C   . LEU A 1 68  ? 1.915   8.591   -1.185  1.00 61.10  ? 54  LEU A C   1 
ATOM   328 O O   . LEU A 1 68  ? 2.059   8.311   -2.370  1.00 64.86  ? 54  LEU A O   1 
ATOM   329 C CB  . LEU A 1 68  ? 0.342   7.320   0.305   1.00 57.08  ? 54  LEU A CB  1 
ATOM   330 C CG  . LEU A 1 68  ? 0.058   6.059   1.124   1.00 58.02  ? 54  LEU A CG  1 
ATOM   331 C CD1 . LEU A 1 68  ? -1.418  5.965   1.477   1.00 66.07  ? 54  LEU A CD1 1 
ATOM   332 C CD2 . LEU A 1 68  ? 0.508   4.818   0.375   1.00 58.42  ? 54  LEU A CD2 1 
ATOM   333 N N   . GLU A 1 69  ? 1.860   9.840   -0.740  1.00 69.34  ? 55  GLU A N   1 
ATOM   334 C CA  . GLU A 1 69  ? 1.941   10.986  -1.637  1.00 61.75  ? 55  GLU A CA  1 
ATOM   335 C C   . GLU A 1 69  ? 3.266   11.005  -2.404  1.00 61.97  ? 55  GLU A C   1 
ATOM   336 O O   . GLU A 1 69  ? 3.298   11.299  -3.597  1.00 60.56  ? 55  GLU A O   1 
ATOM   337 C CB  . GLU A 1 69  ? 1.764   12.285  -0.849  1.00 60.80  ? 55  GLU A CB  1 
ATOM   338 C CG  . GLU A 1 69  ? 1.947   13.548  -1.698  1.00 64.95  ? 55  GLU A CG  1 
ATOM   339 C CD  . GLU A 1 69  ? 1.915   14.853  -0.891  1.00 69.19  ? 55  GLU A CD  1 
ATOM   340 O OE1 . GLU A 1 69  ? 1.857   15.931  -1.534  1.00 74.49  ? 55  GLU A OE1 1 
ATOM   341 O OE2 . GLU A 1 69  ? 1.944   14.816  0.368   1.00 62.53  ? 55  GLU A OE2 1 
ATOM   342 N N   . ASP A 1 70  ? 4.361   10.677  -1.730  1.00 57.89  ? 56  ASP A N   1 
ATOM   343 C CA  . ASP A 1 70  ? 5.664   10.709  -2.382  1.00 57.62  ? 56  ASP A CA  1 
ATOM   344 C C   . ASP A 1 70  ? 5.808   9.589   -3.412  1.00 60.29  ? 56  ASP A C   1 
ATOM   345 O O   . ASP A 1 70  ? 6.346   9.805   -4.491  1.00 58.98  ? 56  ASP A O   1 
ATOM   346 C CB  . ASP A 1 70  ? 6.787   10.621  -1.343  1.00 59.31  ? 56  ASP A CB  1 
ATOM   347 C CG  . ASP A 1 70  ? 6.958   11.922  -0.566  1.00 64.49  ? 56  ASP A CG  1 
ATOM   348 O OD1 . ASP A 1 70  ? 6.341   12.934  -0.972  1.00 61.71  ? 56  ASP A OD1 1 
ATOM   349 O OD2 . ASP A 1 70  ? 7.698   11.940  0.449   1.00 65.83  ? 56  ASP A OD2 1 
ATOM   350 N N   . MET A 1 71  ? 5.327   8.393   -3.079  1.00 61.77  ? 57  MET A N   1 
ATOM   351 C CA  . MET A 1 71  ? 5.387   7.261   -4.002  1.00 61.43  ? 57  MET A CA  1 
ATOM   352 C C   . MET A 1 71  ? 4.466   7.467   -5.226  1.00 60.66  ? 57  MET A C   1 
ATOM   353 O O   . MET A 1 71  ? 4.752   6.984   -6.318  1.00 60.71  ? 57  MET A O   1 
ATOM   354 C CB  . MET A 1 71  ? 5.018   5.968   -3.275  1.00 55.18  ? 57  MET A CB  1 
ATOM   355 C CG  . MET A 1 71  ? 6.036   5.527   -2.260  1.00 59.03  ? 57  MET A CG  1 
ATOM   356 S SD  . MET A 1 71  ? 7.635   5.212   -3.025  1.00 59.49  ? 57  MET A SD  1 
ATOM   357 C CE  . MET A 1 71  ? 7.231   3.863   -4.129  1.00 56.42  ? 57  MET A CE  1 
ATOM   358 N N   . ARG A 1 72  ? 3.363   8.177   -5.042  1.00 55.79  ? 58  ARG A N   1 
ATOM   359 C CA  . ARG A 1 72  ? 2.480   8.484   -6.166  1.00 61.54  ? 58  ARG A CA  1 
ATOM   360 C C   . ARG A 1 72  ? 3.263   9.247   -7.208  1.00 63.92  ? 58  ARG A C   1 
ATOM   361 O O   . ARG A 1 72  ? 3.161   8.987   -8.404  1.00 65.88  ? 58  ARG A O   1 
ATOM   362 C CB  . ARG A 1 72  ? 1.272   9.305   -5.720  1.00 58.68  ? 58  ARG A CB  1 
ATOM   363 C CG  . ARG A 1 72  ? 0.197   8.477   -5.090  1.00 61.61  ? 58  ARG A CG  1 
ATOM   364 C CD  . ARG A 1 72  ? -1.162  9.181   -5.143  1.00 62.24  ? 58  ARG A CD  1 
ATOM   365 N NE  . ARG A 1 72  ? -1.253  10.311  -4.230  1.00 66.24  ? 58  ARG A NE  1 
ATOM   366 C CZ  . ARG A 1 72  ? -1.173  10.230  -2.900  1.00 71.57  ? 58  ARG A CZ  1 
ATOM   367 N NH1 . ARG A 1 72  ? -1.268  11.340  -2.168  1.00 73.38  ? 58  ARG A NH1 1 
ATOM   368 N NH2 . ARG A 1 72  ? -0.996  9.055   -2.290  1.00 67.25  ? 58  ARG A NH2 1 
ATOM   369 N N   . GLU A 1 73  ? 4.067   10.189  -6.745  1.00 64.88  ? 59  GLU A N   1 
ATOM   370 C CA  . GLU A 1 73  ? 4.863   10.998  -7.648  1.00 66.07  ? 59  GLU A CA  1 
ATOM   371 C C   . GLU A 1 73  ? 6.077   10.207  -8.177  1.00 60.50  ? 59  GLU A C   1 
ATOM   372 O O   . GLU A 1 73  ? 6.406   10.284  -9.366  1.00 60.11  ? 59  GLU A O   1 
ATOM   373 C CB  . GLU A 1 73  ? 5.263   12.292  -6.928  1.00 63.27  ? 59  GLU A CB  1 
ATOM   374 C CG  . GLU A 1 73  ? 6.619   12.876  -7.261  1.00 66.78  ? 59  GLU A CG  1 
ATOM   375 C CD  . GLU A 1 73  ? 7.086   13.831  -6.173  1.00 79.46  ? 59  GLU A CD  1 
ATOM   376 O OE1 . GLU A 1 73  ? 6.214   14.401  -5.464  1.00 71.48  ? 59  GLU A OE1 1 
ATOM   377 O OE2 . GLU A 1 73  ? 8.320   14.011  -6.019  1.00 82.60  ? 59  GLU A OE2 1 
ATOM   378 N N   . GLU A 1 74  ? 6.717   9.427   -7.310  1.00 61.92  ? 60  GLU A N   1 
ATOM   379 C CA  . GLU A 1 74  ? 7.855   8.600   -7.721  1.00 61.28  ? 60  GLU A CA  1 
ATOM   380 C C   . GLU A 1 74  ? 7.437   7.654   -8.848  1.00 62.56  ? 60  GLU A C   1 
ATOM   381 O O   . GLU A 1 74  ? 8.143   7.515   -9.834  1.00 64.19  ? 60  GLU A O   1 
ATOM   382 C CB  . GLU A 1 74  ? 8.408   7.783   -6.543  1.00 58.93  ? 60  GLU A CB  1 
ATOM   383 C CG  . GLU A 1 74  ? 9.123   8.594   -5.466  1.00 66.16  ? 60  GLU A CG  1 
ATOM   384 C CD  . GLU A 1 74  ? 10.539  9.028   -5.864  1.00 70.47  ? 60  GLU A CD  1 
ATOM   385 O OE1 . GLU A 1 74  ? 11.250  8.256   -6.551  1.00 65.48  ? 60  GLU A OE1 1 
ATOM   386 O OE2 . GLU A 1 74  ? 10.938  10.158  -5.494  1.00 68.87  ? 60  GLU A OE2 1 
ATOM   387 N N   . LEU A 1 75  ? 6.268   7.036   -8.694  1.00 65.34  ? 61  LEU A N   1 
ATOM   388 C CA  . LEU A 1 75  ? 5.786   5.992   -9.600  1.00 62.87  ? 61  LEU A CA  1 
ATOM   389 C C   . LEU A 1 75  ? 4.855   6.528   -10.681 1.00 66.26  ? 61  LEU A C   1 
ATOM   390 O O   . LEU A 1 75  ? 4.310   5.751   -11.470 1.00 69.12  ? 61  LEU A O   1 
ATOM   391 C CB  . LEU A 1 75  ? 5.068   4.897   -8.805  1.00 58.19  ? 61  LEU A CB  1 
ATOM   392 C CG  . LEU A 1 75  ? 5.930   4.303   -7.690  1.00 59.15  ? 61  LEU A CG  1 
ATOM   393 C CD1 . LEU A 1 75  ? 5.264   3.139   -6.962  1.00 53.97  ? 61  LEU A CD1 1 
ATOM   394 C CD2 . LEU A 1 75  ? 7.266   3.891   -8.281  1.00 56.82  ? 61  LEU A CD2 1 
ATOM   395 N N   . CYS A 1 76  ? 4.674   7.843   -10.718 1.00 61.20  ? 62  CYS A N   1 
ATOM   396 C CA  . CYS A 1 76  ? 3.812   8.464   -11.720 1.00 70.62  ? 62  CYS A CA  1 
ATOM   397 C C   . CYS A 1 76  ? 2.466   7.735   -11.787 1.00 69.29  ? 62  CYS A C   1 
ATOM   398 O O   . CYS A 1 76  ? 2.119   7.144   -12.802 1.00 70.33  ? 62  CYS A O   1 
ATOM   399 C CB  . CYS A 1 76  ? 4.500   8.465   -13.096 1.00 72.02  ? 62  CYS A CB  1 
ATOM   400 S SG  . CYS A 1 76  ? 4.027   9.818   -14.213 1.00 93.27  ? 62  CYS A SG  1 
ATOM   401 N N   . LEU A 1 77  ? 1.727   7.752   -10.685 1.00 70.88  ? 63  LEU A N   1 
ATOM   402 C CA  . LEU A 1 77  ? 0.454   7.043   -10.599 1.00 70.68  ? 63  LEU A CA  1 
ATOM   403 C C   . LEU A 1 77  ? -0.722  8.000   -10.699 1.00 71.26  ? 63  LEU A C   1 
ATOM   404 O O   . LEU A 1 77  ? -0.805  8.957   -9.939  1.00 73.76  ? 63  LEU A O   1 
ATOM   405 C CB  . LEU A 1 77  ? 0.366   6.272   -9.288  1.00 69.63  ? 63  LEU A CB  1 
ATOM   406 C CG  . LEU A 1 77  ? 0.519   4.751   -9.251  1.00 78.96  ? 63  LEU A CG  1 
ATOM   407 C CD1 . LEU A 1 77  ? 1.726   4.232   -10.037 1.00 68.98  ? 63  LEU A CD1 1 
ATOM   408 C CD2 . LEU A 1 77  ? 0.631   4.370   -7.791  1.00 69.32  ? 63  LEU A CD2 1 
ATOM   409 N N   . PRO A 1 78  ? -1.642  7.743   -11.637 1.00 76.33  ? 64  PRO A N   1 
ATOM   410 C CA  . PRO A 1 78  ? -2.827  8.609   -11.702 1.00 77.68  ? 64  PRO A CA  1 
ATOM   411 C C   . PRO A 1 78  ? -3.603  8.488   -10.400 1.00 78.32  ? 64  PRO A C   1 
ATOM   412 O O   . PRO A 1 78  ? -3.745  7.371   -9.899  1.00 81.54  ? 64  PRO A O   1 
ATOM   413 C CB  . PRO A 1 78  ? -3.611  8.055   -12.894 1.00 66.13  ? 64  PRO A CB  1 
ATOM   414 C CG  . PRO A 1 78  ? -3.155  6.631   -13.013 1.00 77.95  ? 64  PRO A CG  1 
ATOM   415 C CD  . PRO A 1 78  ? -1.713  6.616   -12.583 1.00 74.24  ? 64  PRO A CD  1 
ATOM   416 N N   . THR A 1 79  ? -4.062  9.602   -9.842  1.00 78.00  ? 65  THR A N   1 
ATOM   417 C CA  . THR A 1 79  ? -4.643  9.566   -8.504  1.00 82.03  ? 65  THR A CA  1 
ATOM   418 C C   . THR A 1 79  ? -5.893  8.672   -8.459  1.00 81.64  ? 65  THR A C   1 
ATOM   419 O O   . THR A 1 79  ? -6.173  8.057   -7.434  1.00 82.32  ? 65  THR A O   1 
ATOM   420 C CB  . THR A 1 79  ? -4.984  10.983  -7.983  1.00 81.85  ? 65  THR A CB  1 
ATOM   421 O OG1 . THR A 1 79  ? -5.822  11.662  -8.926  1.00 88.17  ? 65  THR A OG1 1 
ATOM   422 C CG2 . THR A 1 79  ? -3.703  11.783  -7.769  1.00 75.85  ? 65  THR A CG2 1 
ATOM   423 N N   . GLU A 1 80  ? -6.616  8.570   -9.569  1.00 80.39  ? 66  GLU A N   1 
ATOM   424 C CA  . GLU A 1 80  ? -7.801  7.713   -9.610  1.00 79.21  ? 66  GLU A CA  1 
ATOM   425 C C   . GLU A 1 80  ? -7.426  6.265   -9.339  1.00 76.19  ? 66  GLU A C   1 
ATOM   426 O O   . GLU A 1 80  ? -8.119  5.560   -8.609  1.00 75.10  ? 66  GLU A O   1 
ATOM   427 C CB  . GLU A 1 80  ? -8.515  7.823   -10.957 1.00 81.03  ? 66  GLU A CB  1 
ATOM   428 C CG  . GLU A 1 80  ? -9.396  9.052   -11.074 1.00 93.32  ? 66  GLU A CG  1 
ATOM   429 C CD  . GLU A 1 80  ? -8.800  10.116  -11.980 1.00 100.49 ? 66  GLU A CD  1 
ATOM   430 O OE1 . GLU A 1 80  ? -8.425  9.771   -13.120 1.00 100.36 ? 66  GLU A OE1 1 
ATOM   431 O OE2 . GLU A 1 80  ? -8.697  11.291  -11.547 1.00 106.50 ? 66  GLU A OE2 1 
ATOM   432 N N   . ARG A 1 81  ? -6.325  5.824   -9.927  1.00 72.58  ? 67  ARG A N   1 
ATOM   433 C CA  . ARG A 1 81  ? -5.848  4.485   -9.656  1.00 71.56  ? 67  ARG A CA  1 
ATOM   434 C C   . ARG A 1 81  ? -5.316  4.410   -8.235  1.00 75.67  ? 67  ARG A C   1 
ATOM   435 O O   . ARG A 1 81  ? -5.504  3.412   -7.537  1.00 78.24  ? 67  ARG A O   1 
ATOM   436 C CB  . ARG A 1 81  ? -4.761  4.079   -10.649 1.00 79.26  ? 67  ARG A CB  1 
ATOM   437 C CG  . ARG A 1 81  ? -4.277  2.654   -10.460 1.00 83.11  ? 67  ARG A CG  1 
ATOM   438 C CD  . ARG A 1 81  ? -5.446  1.676   -10.499 1.00 87.11  ? 67  ARG A CD  1 
ATOM   439 N NE  . ARG A 1 81  ? -5.068  0.360   -9.996  1.00 89.62  ? 67  ARG A NE  1 
ATOM   440 C CZ  . ARG A 1 81  ? -4.419  -0.552  -10.718 1.00 94.71  ? 67  ARG A CZ  1 
ATOM   441 N NH1 . ARG A 1 81  ? -4.072  -0.284  -11.973 1.00 83.01  ? 67  ARG A NH1 1 
ATOM   442 N NH2 . ARG A 1 81  ? -4.114  -1.731  -10.185 1.00 95.52  ? 67  ARG A NH2 1 
ATOM   443 N N   . ALA A 1 82  ? -4.653  5.473   -7.803  1.00 73.82  ? 68  ALA A N   1 
ATOM   444 C CA  . ALA A 1 82  ? -4.021  5.470   -6.500  1.00 66.89  ? 68  ALA A CA  1 
ATOM   445 C C   . ALA A 1 82  ? -5.066  5.458   -5.392  1.00 70.79  ? 68  ALA A C   1 
ATOM   446 O O   . ALA A 1 82  ? -4.910  4.747   -4.398  1.00 67.05  ? 68  ALA A O   1 
ATOM   447 C CB  . ALA A 1 82  ? -3.112  6.655   -6.362  1.00 68.45  ? 68  ALA A CB  1 
ATOM   448 N N   . GLU A 1 83  ? -6.133  6.239   -5.560  1.00 67.99  ? 69  GLU A N   1 
ATOM   449 C CA  . GLU A 1 83  ? -7.235  6.213   -4.605  1.00 71.18  ? 69  GLU A CA  1 
ATOM   450 C C   . GLU A 1 83  ? -7.926  4.857   -4.641  1.00 72.37  ? 69  GLU A C   1 
ATOM   451 O O   . GLU A 1 83  ? -8.458  4.394   -3.634  1.00 73.64  ? 69  GLU A O   1 
ATOM   452 C CB  . GLU A 1 83  ? -8.258  7.333   -4.878  1.00 71.38  ? 69  GLU A CB  1 
ATOM   453 C CG  . GLU A 1 83  ? -7.689  8.749   -4.927  1.00 78.25  ? 69  GLU A CG  1 
ATOM   454 C CD  . GLU A 1 83  ? -8.684  9.770   -5.478  1.00 85.11  ? 69  GLU A CD  1 
ATOM   455 O OE1 . GLU A 1 83  ? -9.317  9.485   -6.516  1.00 83.84  ? 69  GLU A OE1 1 
ATOM   456 O OE2 . GLU A 1 83  ? -8.812  10.868  -4.889  1.00 87.01  ? 69  GLU A OE2 1 
ATOM   457 N N   . ALA A 1 84  ? -7.921  4.225   -5.811  1.00 75.25  ? 70  ALA A N   1 
ATOM   458 C CA  . ALA A 1 84  ? -8.527  2.910   -5.967  1.00 69.02  ? 70  ALA A CA  1 
ATOM   459 C C   . ALA A 1 84  ? -7.808  1.892   -5.090  1.00 73.98  ? 70  ALA A C   1 
ATOM   460 O O   . ALA A 1 84  ? -8.441  1.192   -4.302  1.00 72.68  ? 70  ALA A O   1 
ATOM   461 C CB  . ALA A 1 84  ? -8.501  2.478   -7.425  1.00 72.66  ? 70  ALA A CB  1 
ATOM   462 N N   . GLU A 1 85  ? -6.482  1.823   -5.214  1.00 70.25  ? 71  GLU A N   1 
ATOM   463 C CA  . GLU A 1 85  ? -5.697  0.896   -4.403  1.00 73.05  ? 71  GLU A CA  1 
ATOM   464 C C   . GLU A 1 85  ? -5.880  1.143   -2.908  1.00 72.51  ? 71  GLU A C   1 
ATOM   465 O O   . GLU A 1 85  ? -5.963  0.201   -2.127  1.00 75.09  ? 71  GLU A O   1 
ATOM   466 C CB  . GLU A 1 85  ? -4.208  0.990   -4.758  1.00 64.43  ? 71  GLU A CB  1 
ATOM   467 C CG  . GLU A 1 85  ? -3.873  0.484   -6.132  1.00 76.16  ? 71  GLU A CG  1 
ATOM   468 C CD  . GLU A 1 85  ? -4.276  -0.967  -6.322  1.00 80.43  ? 71  GLU A CD  1 
ATOM   469 O OE1 . GLU A 1 85  ? -4.065  -1.770  -5.383  1.00 76.66  ? 71  GLU A OE1 1 
ATOM   470 O OE2 . GLU A 1 85  ? -4.814  -1.300  -7.405  1.00 91.32  ? 71  GLU A OE2 1 
ATOM   471 N N   . LEU A 1 86  ? -5.937  2.408   -2.508  1.00 72.99  ? 72  LEU A N   1 
ATOM   472 C CA  . LEU A 1 86  ? -6.099  2.725   -1.095  1.00 73.24  ? 72  LEU A CA  1 
ATOM   473 C C   . LEU A 1 86  ? -7.485  2.313   -0.607  1.00 74.53  ? 72  LEU A C   1 
ATOM   474 O O   . LEU A 1 86  ? -7.635  1.760   0.491   1.00 72.94  ? 72  LEU A O   1 
ATOM   475 C CB  . LEU A 1 86  ? -5.874  4.216   -0.834  1.00 70.70  ? 72  LEU A CB  1 
ATOM   476 C CG  . LEU A 1 86  ? -6.068  4.625   0.625   1.00 67.99  ? 72  LEU A CG  1 
ATOM   477 C CD1 . LEU A 1 86  ? -5.082  3.883   1.511   1.00 65.90  ? 72  LEU A CD1 1 
ATOM   478 C CD2 . LEU A 1 86  ? -5.889  6.116   0.773   1.00 73.69  ? 72  LEU A CD2 1 
ATOM   479 N N   . ALA A 1 87  ? -8.496  2.598   -1.422  1.00 74.41  ? 73  ALA A N   1 
ATOM   480 C CA  . ALA A 1 87  ? -9.861  2.206   -1.109  1.00 72.98  ? 73  ALA A CA  1 
ATOM   481 C C   . ALA A 1 87  ? -9.947  0.679   -0.965  1.00 72.83  ? 73  ALA A C   1 
ATOM   482 O O   . ALA A 1 87  ? -10.534 0.166   -0.014  1.00 75.58  ? 73  ALA A O   1 
ATOM   483 C CB  . ALA A 1 87  ? -10.816 2.710   -2.183  1.00 65.50  ? 73  ALA A CB  1 
ATOM   484 N N   . ALA A 1 88  ? -9.323  -0.035  -1.898  1.00 74.90  ? 74  ALA A N   1 
ATOM   485 C CA  . ALA A 1 88  ? -9.323  -1.497  -1.899  1.00 71.80  ? 74  ALA A CA  1 
ATOM   486 C C   . ALA A 1 88  ? -8.652  -2.067  -0.654  1.00 77.87  ? 74  ALA A C   1 
ATOM   487 O O   . ALA A 1 88  ? -9.128  -3.047  -0.073  1.00 83.50  ? 74  ALA A O   1 
ATOM   488 C CB  . ALA A 1 88  ? -8.631  -2.022  -3.147  1.00 68.28  ? 74  ALA A CB  1 
ATOM   489 N N   . ALA A 1 89  ? -7.546  -1.462  -0.243  1.00 73.90  ? 75  ALA A N   1 
ATOM   490 C CA  . ALA A 1 89  ? -6.803  -1.993  0.887   1.00 74.76  ? 75  ALA A CA  1 
ATOM   491 C C   . ALA A 1 89  ? -7.573  -1.780  2.186   1.00 73.36  ? 75  ALA A C   1 
ATOM   492 O O   . ALA A 1 89  ? -7.548  -2.624  3.081   1.00 75.94  ? 75  ALA A O   1 
ATOM   493 C CB  . ALA A 1 89  ? -5.434  -1.354  0.965   1.00 71.26  ? 75  ALA A CB  1 
ATOM   494 N N   . ARG A 1 90  ? -8.268  -0.654  2.277   1.00 77.39  ? 76  ARG A N   1 
ATOM   495 C CA  . ARG A 1 90  ? -9.033  -0.317  3.476   1.00 73.29  ? 76  ARG A CA  1 
ATOM   496 C C   . ARG A 1 90  ? -10.100 -1.363  3.778   1.00 75.56  ? 76  ARG A C   1 
ATOM   497 O O   . ARG A 1 90  ? -10.416 -1.635  4.938   1.00 78.64  ? 76  ARG A O   1 
ATOM   498 C CB  . ARG A 1 90  ? -9.684  1.057   3.314   1.00 75.30  ? 76  ARG A CB  1 
ATOM   499 C CG  . ARG A 1 90  ? -8.804  2.222   3.754   1.00 80.27  ? 76  ARG A CG  1 
ATOM   500 C CD  . ARG A 1 90  ? -9.648  3.482   3.962   1.00 88.72  ? 76  ARG A CD  1 
ATOM   501 N NE  . ARG A 1 90  ? -8.846  4.659   4.298   1.00 89.16  ? 76  ARG A NE  1 
ATOM   502 C CZ  . ARG A 1 90  ? -8.506  5.609   3.432   1.00 81.99  ? 76  ARG A CZ  1 
ATOM   503 N NH1 . ARG A 1 90  ? -7.781  6.640   3.842   1.00 81.84  ? 76  ARG A NH1 1 
ATOM   504 N NH2 . ARG A 1 90  ? -8.892  5.526   2.160   1.00 87.49  ? 76  ARG A NH2 1 
ATOM   505 N N   . GLU A 1 91  ? -10.638 -1.963  2.727   1.00 77.44  ? 77  GLU A N   1 
ATOM   506 C CA  . GLU A 1 91  ? -11.754 -2.877  2.870   1.00 79.16  ? 77  GLU A CA  1 
ATOM   507 C C   . GLU A 1 91  ? -11.346 -4.342  2.668   1.00 76.88  ? 77  GLU A C   1 
ATOM   508 O O   . GLU A 1 91  ? -12.158 -5.245  2.823   1.00 77.69  ? 77  GLU A O   1 
ATOM   509 C CB  . GLU A 1 91  ? -12.846 -2.498  1.881   1.00 74.04  ? 77  GLU A CB  1 
ATOM   510 C CG  . GLU A 1 91  ? -12.587 -3.037  0.493   1.00 87.21  ? 77  GLU A CG  1 
ATOM   511 C CD  . GLU A 1 91  ? -13.720 -2.728  -0.461  1.00 104.06 ? 77  GLU A CD  1 
ATOM   512 O OE1 . GLU A 1 91  ? -13.787 -3.360  -1.547  1.00 98.77  ? 77  GLU A OE1 1 
ATOM   513 O OE2 . GLU A 1 91  ? -14.543 -1.851  -0.110  1.00 104.31 ? 77  GLU A OE2 1 
ATOM   514 N N   . ASP A 1 92  ? -10.092 -4.581  2.310   1.00 76.55  ? 78  ASP A N   1 
ATOM   515 C CA  . ASP A 1 92  ? -9.600  -5.946  2.208   1.00 68.71  ? 78  ASP A CA  1 
ATOM   516 C C   . ASP A 1 92  ? -9.736  -6.628  3.571   1.00 69.70  ? 78  ASP A C   1 
ATOM   517 O O   . ASP A 1 92  ? -9.529  -5.988  4.615   1.00 73.83  ? 78  ASP A O   1 
ATOM   518 C CB  . ASP A 1 92  ? -8.150  -5.956  1.734   1.00 72.48  ? 78  ASP A CB  1 
ATOM   519 C CG  . ASP A 1 92  ? -7.531  -7.327  1.792   1.00 72.87  ? 78  ASP A CG  1 
ATOM   520 O OD1 . ASP A 1 92  ? -7.165  -7.757  2.908   1.00 73.39  ? 78  ASP A OD1 1 
ATOM   521 O OD2 . ASP A 1 92  ? -7.405  -7.966  0.723   1.00 75.97  ? 78  ASP A OD2 1 
ATOM   522 N N   . VAL A 1 93  ? -10.089 -7.917  3.556   1.00 71.72  ? 79  VAL A N   1 
ATOM   523 C CA  . VAL A 1 93  ? -10.383 -8.681  4.783   1.00 74.83  ? 79  VAL A CA  1 
ATOM   524 C C   . VAL A 1 93  ? -9.144  -9.018  5.621   1.00 68.70  ? 79  VAL A C   1 
ATOM   525 O O   . VAL A 1 93  ? -9.166  -8.924  6.849   1.00 66.26  ? 79  VAL A O   1 
ATOM   526 C CB  . VAL A 1 93  ? -11.137 -9.982  4.451   1.00 70.72  ? 79  VAL A CB  1 
ATOM   527 C CG1 . VAL A 1 93  ? -11.541 -10.684 5.738   1.00 67.49  ? 79  VAL A CG1 1 
ATOM   528 C CG2 . VAL A 1 93  ? -12.358 -9.686  3.592   1.00 68.16  ? 79  VAL A CG2 1 
ATOM   529 N N   . LEU A 1 94  ? -8.073  -9.440  4.965   1.00 68.11  ? 80  LEU A N   1 
ATOM   530 C CA  . LEU A 1 94  ? -6.828  -9.676  5.686   1.00 66.74  ? 80  LEU A CA  1 
ATOM   531 C C   . LEU A 1 94  ? -6.396  -8.361  6.360   1.00 71.65  ? 80  LEU A C   1 
ATOM   532 O O   . LEU A 1 94  ? -6.133  -8.340  7.563   1.00 71.88  ? 80  LEU A O   1 
ATOM   533 C CB  . LEU A 1 94  ? -5.749  -10.209 4.742   1.00 67.65  ? 80  LEU A CB  1 
ATOM   534 C CG  . LEU A 1 94  ? -4.381  -10.541 5.350   1.00 66.16  ? 80  LEU A CG  1 
ATOM   535 C CD1 . LEU A 1 94  ? -4.515  -11.491 6.523   1.00 64.88  ? 80  LEU A CD1 1 
ATOM   536 C CD2 . LEU A 1 94  ? -3.469  -11.135 4.301   1.00 66.97  ? 80  LEU A CD2 1 
ATOM   537 N N   . VAL A 1 95  ? -6.400  -7.261  5.602   1.00 72.40  ? 81  VAL A N   1 
ATOM   538 C CA  . VAL A 1 95  ? -5.946  -5.967  6.121   1.00 70.19  ? 81  VAL A CA  1 
ATOM   539 C C   . VAL A 1 95  ? -6.735  -5.584  7.366   1.00 69.81  ? 81  VAL A C   1 
ATOM   540 O O   . VAL A 1 95  ? -6.152  -5.329  8.428   1.00 63.15  ? 81  VAL A O   1 
ATOM   541 C CB  . VAL A 1 95  ? -6.042  -4.831  5.051   1.00 68.75  ? 81  VAL A CB  1 
ATOM   542 C CG1 . VAL A 1 95  ? -5.638  -3.505  5.655   1.00 63.52  ? 81  VAL A CG1 1 
ATOM   543 C CG2 . VAL A 1 95  ? -5.165  -5.131  3.830   1.00 67.90  ? 81  VAL A CG2 1 
ATOM   544 N N   . THR A 1 96  ? -8.059  -5.548  7.245   1.00 67.86  ? 82  THR A N   1 
ATOM   545 C CA  . THR A 1 96  ? -8.886  -5.178  8.390   1.00 68.86  ? 82  THR A CA  1 
ATOM   546 C C   . THR A 1 96  ? -8.743  -6.170  9.571   1.00 70.91  ? 82  THR A C   1 
ATOM   547 O O   . THR A 1 96  ? -8.737  -5.749  10.730  1.00 73.93  ? 82  THR A O   1 
ATOM   548 C CB  . THR A 1 96  ? -10.381 -5.051  7.990   1.00 70.25  ? 82  THR A CB  1 
ATOM   549 O OG1 . THR A 1 96  ? -10.842 -6.288  7.445   1.00 74.77  ? 82  THR A OG1 1 
ATOM   550 C CG2 . THR A 1 96  ? -10.561 -3.981  6.940   1.00 73.36  ? 82  THR A CG2 1 
ATOM   551 N N   . SER A 1 97  ? -8.615  -7.472  9.303   1.00 71.57  ? 83  SER A N   1 
ATOM   552 C CA  . SER A 1 97  ? -8.414  -8.435  10.398  1.00 71.80  ? 83  SER A CA  1 
ATOM   553 C C   . SER A 1 97  ? -7.114  -8.191  11.162  1.00 72.73  ? 83  SER A C   1 
ATOM   554 O O   . SER A 1 97  ? -7.069  -8.311  12.389  1.00 76.07  ? 83  SER A O   1 
ATOM   555 C CB  . SER A 1 97  ? -8.417  -9.861  9.877   1.00 66.76  ? 83  SER A CB  1 
ATOM   556 O OG  . SER A 1 97  ? -9.456  -10.029 8.944   1.00 75.62  ? 83  SER A OG  1 
ATOM   557 N N   . VAL A 1 98  ? -6.055  -7.858  10.434  1.00 74.35  ? 84  VAL A N   1 
ATOM   558 C CA  . VAL A 1 98  ? -4.771  -7.559  11.064  1.00 75.25  ? 84  VAL A CA  1 
ATOM   559 C C   . VAL A 1 98  ? -4.855  -6.280  11.891  1.00 72.35  ? 84  VAL A C   1 
ATOM   560 O O   . VAL A 1 98  ? -4.272  -6.187  12.975  1.00 72.34  ? 84  VAL A O   1 
ATOM   561 C CB  . VAL A 1 98  ? -3.658  -7.448  10.020  1.00 74.99  ? 84  VAL A CB  1 
ATOM   562 C CG1 . VAL A 1 98  ? -2.323  -7.084  10.688  1.00 66.68  ? 84  VAL A CG1 1 
ATOM   563 C CG2 . VAL A 1 98  ? -3.552  -8.745  9.237   1.00 64.61  ? 84  VAL A CG2 1 
ATOM   564 N N   . ALA A 1 99  ? -5.573  -5.283  11.391  1.00 73.39  ? 85  ALA A N   1 
ATOM   565 C CA  . ALA A 1 99  ? -5.741  -4.064  12.172  1.00 73.56  ? 85  ALA A CA  1 
ATOM   566 C C   . ALA A 1 99  ? -6.607  -4.364  13.396  1.00 70.34  ? 85  ALA A C   1 
ATOM   567 O O   . ALA A 1 99  ? -6.364  -3.861  14.500  1.00 67.87  ? 85  ALA A O   1 
ATOM   568 C CB  . ALA A 1 99  ? -6.346  -2.959  11.326  1.00 70.04  ? 85  ALA A CB  1 
ATOM   569 N N   . ALA A 1 100 ? -7.605  -5.218  13.202  1.00 75.88  ? 86  ALA A N   1 
ATOM   570 C CA  . ALA A 1 100 ? -8.511  -5.585  14.284  1.00 76.02  ? 86  ALA A CA  1 
ATOM   571 C C   . ALA A 1 100 ? -7.800  -6.413  15.359  1.00 71.02  ? 86  ALA A C   1 
ATOM   572 O O   . ALA A 1 100 ? -7.953  -6.154  16.550  1.00 66.59  ? 86  ALA A O   1 
ATOM   573 C CB  . ALA A 1 100 ? -9.699  -6.344  13.738  1.00 69.64  ? 86  ALA A CB  1 
ATOM   574 N N   . SER A 1 101 ? -7.022  -7.406  14.940  1.00 71.55  ? 87  SER A N   1 
ATOM   575 C CA  . SER A 1 101 ? -6.351  -8.285  15.899  1.00 73.51  ? 87  SER A CA  1 
ATOM   576 C C   . SER A 1 101 ? -5.395  -7.536  16.844  1.00 73.25  ? 87  SER A C   1 
ATOM   577 O O   . SER A 1 101 ? -5.183  -7.953  17.989  1.00 79.64  ? 87  SER A O   1 
ATOM   578 C CB  . SER A 1 101 ? -5.576  -9.374  15.160  1.00 74.72  ? 87  SER A CB  1 
ATOM   579 O OG  . SER A 1 101 ? -4.370  -8.855  14.622  1.00 73.66  ? 87  SER A OG  1 
ATOM   580 N N   . GLY A 1 102 ? -4.802  -6.449  16.360  1.00 72.32  ? 88  GLY A N   1 
ATOM   581 C CA  . GLY A 1 102 ? -3.782  -5.742  17.116  1.00 72.27  ? 88  GLY A CA  1 
ATOM   582 C C   . GLY A 1 102 ? -2.436  -6.444  17.259  1.00 69.44  ? 88  GLY A C   1 
ATOM   583 O O   . GLY A 1 102 ? -1.607  -6.015  18.056  1.00 75.18  ? 88  GLY A O   1 
ATOM   584 N N   . VAL A 1 103 ? -2.197  -7.498  16.480  1.00 71.06  ? 89  VAL A N   1 
ATOM   585 C CA  . VAL A 1 103 ? -0.926  -8.242  16.567  1.00 73.97  ? 89  VAL A CA  1 
ATOM   586 C C   . VAL A 1 103 ? 0.312   -7.379  16.269  1.00 71.86  ? 89  VAL A C   1 
ATOM   587 O O   . VAL A 1 103 ? 1.399   -7.638  16.808  1.00 71.45  ? 89  VAL A O   1 
ATOM   588 C CB  . VAL A 1 103 ? -0.924  -9.501  15.629  1.00 69.48  ? 89  VAL A CB  1 
ATOM   589 C CG1 . VAL A 1 103 ? -1.897  -10.564 16.131  1.00 64.26  ? 89  VAL A CG1 1 
ATOM   590 C CG2 . VAL A 1 103 ? -1.232  -9.122  14.185  1.00 66.58  ? 89  VAL A CG2 1 
ATOM   591 N N   . LEU A 1 104 ? 0.166   -6.358  15.428  1.00 64.32  ? 90  LEU A N   1 
ATOM   592 C CA  . LEU A 1 104 ? 1.323   -5.546  15.049  1.00 71.45  ? 90  LEU A CA  1 
ATOM   593 C C   . LEU A 1 104 ? 1.762   -4.622  16.180  1.00 73.59  ? 90  LEU A C   1 
ATOM   594 O O   . LEU A 1 104 ? 2.876   -4.105  16.174  1.00 75.45  ? 90  LEU A O   1 
ATOM   595 C CB  . LEU A 1 104 ? 1.030   -4.744  13.778  1.00 69.16  ? 90  LEU A CB  1 
ATOM   596 C CG  . LEU A 1 104 ? 1.103   -5.690  12.581  1.00 64.96  ? 90  LEU A CG  1 
ATOM   597 C CD1 . LEU A 1 104 ? 0.707   -5.007  11.284  1.00 63.20  ? 90  LEU A CD1 1 
ATOM   598 C CD2 . LEU A 1 104 ? 2.513   -6.309  12.499  1.00 66.66  ? 90  LEU A CD2 1 
ATOM   599 N N   . LYS A 1 105 ? 0.888   -4.435  17.160  1.00 76.65  ? 91  LYS A N   1 
ATOM   600 C CA  . LYS A 1 105 ? 1.208   -3.676  18.356  1.00 70.45  ? 91  LYS A CA  1 
ATOM   601 C C   . LYS A 1 105 ? 1.821   -4.552  19.448  1.00 73.86  ? 91  LYS A C   1 
ATOM   602 O O   . LYS A 1 105 ? 2.177   -4.057  20.503  1.00 76.87  ? 91  LYS A O   1 
ATOM   603 C CB  . LYS A 1 105 ? -0.066  -2.980  18.860  1.00 71.84  ? 91  LYS A CB  1 
ATOM   604 C CG  . LYS A 1 105 ? -0.692  -2.075  17.803  1.00 80.48  ? 91  LYS A CG  1 
ATOM   605 C CD  . LYS A 1 105 ? -2.123  -1.676  18.137  1.00 81.83  ? 91  LYS A CD  1 
ATOM   606 C CE  . LYS A 1 105 ? -2.653  -0.677  17.104  1.00 92.37  ? 91  LYS A CE  1 
ATOM   607 N NZ  . LYS A 1 105 ? -3.973  -0.084  17.495  1.00 98.75  ? 91  LYS A NZ  1 
ATOM   608 N N   . ARG A 1 106 ? 1.941   -5.850  19.172  1.00 74.62  ? 92  ARG A N   1 
ATOM   609 C CA  . ARG A 1 106 ? 2.349   -6.858  20.158  1.00 75.18  ? 92  ARG A CA  1 
ATOM   610 C C   . ARG A 1 106 ? 3.588   -7.654  19.753  1.00 77.56  ? 92  ARG A C   1 
ATOM   611 O O   . ARG A 1 106 ? 3.759   -8.788  20.215  1.00 77.02  ? 92  ARG A O   1 
ATOM   612 C CB  . ARG A 1 106 ? 1.233   -7.895  20.385  1.00 75.38  ? 92  ARG A CB  1 
ATOM   613 C CG  . ARG A 1 106 ? 0.153   -7.556  21.364  1.00 74.06  ? 92  ARG A CG  1 
ATOM   614 C CD  . ARG A 1 106 ? -0.421  -8.848  21.955  1.00 73.61  ? 92  ARG A CD  1 
ATOM   615 N NE  . ARG A 1 106 ? -1.228  -9.644  21.023  1.00 75.43  ? 92  ARG A NE  1 
ATOM   616 C CZ  . ARG A 1 106 ? -1.048  -10.949 20.807  1.00 75.15  ? 92  ARG A CZ  1 
ATOM   617 N NH1 . ARG A 1 106 ? -0.067  -11.603 21.427  1.00 75.37  ? 92  ARG A NH1 1 
ATOM   618 N NH2 . ARG A 1 106 ? -1.832  -11.606 19.962  1.00 70.06  ? 92  ARG A NH2 1 
ATOM   619 N N   . ARG A 1 107 ? 4.414   -7.105  18.869  1.00 72.46  ? 93  ARG A N   1 
ATOM   620 C CA  . ARG A 1 107 ? 5.466   -7.878  18.197  1.00 73.29  ? 93  ARG A CA  1 
ATOM   621 C C   . ARG A 1 107 ? 6.336   -8.719  19.127  1.00 70.18  ? 93  ARG A C   1 
ATOM   622 O O   . ARG A 1 107 ? 6.844   -9.766  18.730  1.00 72.97  ? 93  ARG A O   1 
ATOM   623 C CB  . ARG A 1 107 ? 6.372   -6.951  17.387  1.00 68.00  ? 93  ARG A CB  1 
ATOM   624 C CG  . ARG A 1 107 ? 5.712   -6.333  16.192  1.00 67.92  ? 93  ARG A CG  1 
ATOM   625 C CD  . ARG A 1 107 ? 6.764   -5.904  15.192  1.00 73.08  ? 93  ARG A CD  1 
ATOM   626 N NE  . ARG A 1 107 ? 6.231   -4.925  14.254  1.00 68.63  ? 93  ARG A NE  1 
ATOM   627 C CZ  . ARG A 1 107 ? 5.813   -5.213  13.027  1.00 66.62  ? 93  ARG A CZ  1 
ATOM   628 N NH1 . ARG A 1 107 ? 5.858   -6.459  12.576  1.00 65.36  ? 93  ARG A NH1 1 
ATOM   629 N NH2 . ARG A 1 107 ? 5.344   -4.248  12.250  1.00 67.97  ? 93  ARG A NH2 1 
ATOM   630 N N   . GLN A 1 108 ? 6.497   -8.264  20.363  1.00 71.91  ? 94  GLN A N   1 
ATOM   631 C CA  . GLN A 1 108 ? 7.310   -8.974  21.348  1.00 78.84  ? 94  GLN A CA  1 
ATOM   632 C C   . GLN A 1 108 ? 6.719   -10.344 21.716  1.00 75.96  ? 94  GLN A C   1 
ATOM   633 O O   . GLN A 1 108 ? 7.460   -11.269 22.052  1.00 73.60  ? 94  GLN A O   1 
ATOM   634 C CB  . GLN A 1 108 ? 7.484   -8.114  22.609  1.00 74.48  ? 94  GLN A CB  1 
ATOM   635 C CG  . GLN A 1 108 ? 6.174   -7.747  23.328  1.00 74.24  ? 94  GLN A CG  1 
ATOM   636 C CD  . GLN A 1 108 ? 5.390   -6.631  22.635  1.00 84.57  ? 94  GLN A CD  1 
ATOM   637 O OE1 . GLN A 1 108 ? 5.884   -5.980  21.699  1.00 83.36  ? 94  GLN A OE1 1 
ATOM   638 N NE2 . GLN A 1 108 ? 4.158   -6.405  23.095  1.00 79.46  ? 94  GLN A NE2 1 
ATOM   639 N N   . ASP A 1 109 ? 5.394   -10.475 21.644  1.00 73.70  ? 95  ASP A N   1 
ATOM   640 C CA  . ASP A 1 109 ? 4.732   -11.757 21.912  1.00 74.62  ? 95  ASP A CA  1 
ATOM   641 C C   . ASP A 1 109 ? 4.948   -12.752 20.766  1.00 77.87  ? 95  ASP A C   1 
ATOM   642 O O   . ASP A 1 109 ? 5.160   -13.947 21.008  1.00 74.48  ? 95  ASP A O   1 
ATOM   643 C CB  . ASP A 1 109 ? 3.223   -11.572 22.137  1.00 69.87  ? 95  ASP A CB  1 
ATOM   644 C CG  . ASP A 1 109 ? 2.900   -10.718 23.359  1.00 77.95  ? 95  ASP A CG  1 
ATOM   645 O OD1 . ASP A 1 109 ? 3.829   -10.390 24.133  1.00 75.51  ? 95  ASP A OD1 1 
ATOM   646 O OD2 . ASP A 1 109 ? 1.708   -10.366 23.541  1.00 74.65  ? 95  ASP A OD2 1 
ATOM   647 N N   . LEU A 1 110 ? 4.886   -12.249 19.528  1.00 74.32  ? 96  LEU A N   1 
ATOM   648 C CA  . LEU A 1 110 ? 4.909   -13.085 18.329  1.00 66.63  ? 96  LEU A CA  1 
ATOM   649 C C   . LEU A 1 110 ? 6.280   -13.217 17.658  1.00 72.56  ? 96  LEU A C   1 
ATOM   650 O O   . LEU A 1 110 ? 6.431   -14.006 16.741  1.00 75.48  ? 96  LEU A O   1 
ATOM   651 C CB  . LEU A 1 110 ? 3.936   -12.543 17.288  1.00 66.87  ? 96  LEU A CB  1 
ATOM   652 C CG  . LEU A 1 110 ? 2.411   -12.582 17.441  1.00 71.16  ? 96  LEU A CG  1 
ATOM   653 C CD1 . LEU A 1 110 ? 1.889   -13.844 18.081  1.00 69.74  ? 96  LEU A CD1 1 
ATOM   654 C CD2 . LEU A 1 110 ? 1.935   -11.376 18.197  1.00 72.00  ? 96  LEU A CD2 1 
ATOM   655 N N   . GLU A 1 111 ? 7.273   -12.439 18.068  1.00 75.00  ? 97  GLU A N   1 
ATOM   656 C CA  . GLU A 1 111 ? 8.586   -12.552 17.418  1.00 78.02  ? 97  GLU A CA  1 
ATOM   657 C C   . GLU A 1 111 ? 9.571   -13.390 18.231  1.00 74.48  ? 97  GLU A C   1 
ATOM   658 O O   . GLU A 1 111 ? 9.584   -13.328 19.465  1.00 74.15  ? 97  GLU A O   1 
ATOM   659 C CB  . GLU A 1 111 ? 9.179   -11.170 17.157  1.00 75.31  ? 97  GLU A CB  1 
ATOM   660 C CG  . GLU A 1 111 ? 8.641   -10.518 15.906  1.00 70.79  ? 97  GLU A CG  1 
ATOM   661 C CD  . GLU A 1 111 ? 9.322   -11.034 14.656  1.00 84.70  ? 97  GLU A CD  1 
ATOM   662 O OE1 . GLU A 1 111 ? 8.865   -10.693 13.532  1.00 75.16  ? 97  GLU A OE1 1 
ATOM   663 O OE2 . GLU A 1 111 ? 10.328  -11.779 14.804  1.00 83.62  ? 97  GLU A OE2 1 
HETATM 664 O O   . HOH B 2 .   ? -3.808  -11.380 19.162  1.00 77.79  ? 201 HOH A O   1 
HETATM 665 O O   . HOH B 2 .   ? 4.512   -10.116 -20.726 1.00 99.55  ? 202 HOH A O   1 
HETATM 666 O O   . HOH B 2 .   ? -12.362 1.263   0.895   1.00 83.43  ? 203 HOH A O   1 
HETATM 667 O O   . HOH B 2 .   ? 8.181   -13.830 21.372  1.00 74.61  ? 204 HOH A O   1 
HETATM 668 O O   . HOH B 2 .   ? -4.916  0.607   19.628  1.00 88.80  ? 205 HOH A O   1 
HETATM 669 O O   . HOH B 2 .   ? -3.324  -8.728  20.194  1.00 82.20  ? 206 HOH A O   1 
HETATM 670 O O   . HOH B 2 .   ? -5.505  10.765  7.701   1.00 74.39  ? 207 HOH A O   1 
HETATM 671 O O   . HOH B 2 .   ? -3.455  6.274   -2.402  1.00 62.19  ? 208 HOH A O   1 
HETATM 672 O O   . HOH B 2 .   ? -5.336  -2.147  -2.873  1.00 71.35  ? 209 HOH A O   1 
HETATM 673 O O   . HOH B 2 .   ? 9.814   11.736  1.879   1.00 70.75  ? 210 HOH A O   1 
HETATM 674 O O   . HOH B 2 .   ? 3.730   14.912  -5.085  1.00 73.55  ? 211 HOH A O   1 
HETATM 675 O O   . HOH B 2 .   ? -3.394  6.241   12.886  1.00 67.55  ? 212 HOH A O   1 
HETATM 676 O O   . HOH B 2 .   ? -10.669 6.101   -8.350  1.00 77.91  ? 213 HOH A O   1 
HETATM 677 O O   . HOH B 2 .   ? 1.539   16.206  -4.148  1.00 79.44  ? 214 HOH A O   1 
HETATM 678 O O   . HOH B 2 .   ? -6.391  -7.546  -2.885  1.00 85.14  ? 215 HOH A O   1 
HETATM 679 O O   . HOH B 2 .   ? -2.034  -5.418  14.229  1.00 66.18  ? 216 HOH A O   1 
HETATM 680 O O   . HOH B 2 .   ? 13.221  11.431  -6.167  1.00 60.53  ? 217 HOH A O   1 
HETATM 681 O O   . HOH B 2 .   ? 0.084   17.794  -0.633  1.00 72.38  ? 218 HOH A O   1 
HETATM 682 O O   . HOH B 2 .   ? 5.857   -1.306  -1.424  0.5  76.79  ? 219 HOH A O   1 
HETATM 683 O O   . HOH B 2 .   ? 5.396   -7.287  -13.417 1.00 77.93  ? 220 HOH A O   1 
HETATM 684 O O   . HOH B 2 .   ? 2.068   12.946  -5.493  1.00 72.11  ? 221 HOH A O   1 
HETATM 685 O O   . HOH B 2 .   ? 3.287   -1.423  15.463  1.00 72.67  ? 222 HOH A O   1 
HETATM 686 O O   . HOH B 2 .   ? 1.697   16.383  4.707   1.00 61.28  ? 223 HOH A O   1 
HETATM 687 O O   . HOH B 2 .   ? 8.636   -5.608  -6.574  1.00 72.41  ? 224 HOH A O   1 
HETATM 688 O O   . HOH B 2 .   ? 5.567   12.248  -11.296 1.00 76.23  ? 225 HOH A O   1 
HETATM 689 O O   . HOH B 2 .   ? -10.788 -5.130  -1.217  1.00 76.51  ? 226 HOH A O   1 
HETATM 690 O O   . HOH B 2 .   ? 9.897   -11.405 10.916  1.00 71.02  ? 227 HOH A O   1 
HETATM 691 O O   . HOH B 2 .   ? -7.638  -1.388  -8.089  1.00 83.57  ? 228 HOH A O   1 
HETATM 692 O O   . HOH B 2 .   ? 4.641   -3.966  18.524  1.00 83.45  ? 229 HOH A O   1 
HETATM 693 O O   . HOH B 2 .   ? -1.881  -2.223  13.933  1.00 70.58  ? 230 HOH A O   1 
HETATM 694 O O   . HOH B 2 .   ? 11.004  11.763  -8.043  1.00 70.26  ? 231 HOH A O   1 
HETATM 695 O O   . HOH B 2 .   ? -5.810  -4.874  -1.535  1.00 79.88  ? 232 HOH A O   1 
HETATM 696 O O   . HOH B 2 .   ? 7.769   -8.017  -12.823 1.00 70.36  ? 233 HOH A O   1 
HETATM 697 O O   . HOH B 2 .   ? 9.815   16.249  -4.494  1.00 83.12  ? 234 HOH A O   1 
HETATM 698 O O   . HOH B 2 .   ? -6.869  8.896   5.758   1.00 74.78  ? 235 HOH A O   1 
HETATM 699 O O   . HOH B 2 .   ? 8.135   8.825   -12.694 1.00 74.91  ? 236 HOH A O   1 
HETATM 700 O O   . HOH B 2 .   ? -1.834  10.538  0.885   1.00 64.77  ? 237 HOH A O   1 
HETATM 701 O O   . HOH B 2 .   ? 5.831   -5.202  -6.915  1.00 77.03  ? 238 HOH A O   1 
HETATM 702 O O   . HOH B 2 .   ? 6.009   -2.239  15.977  1.00 71.54  ? 239 HOH A O   1 
HETATM 703 O O   . HOH B 2 .   ? -0.718  14.141  2.076   1.00 74.53  ? 240 HOH A O   1 
HETATM 704 O O   . HOH B 2 .   ? 8.706   11.177  3.494   0.5  75.84  ? 241 HOH A O   1 
HETATM 705 O O   . HOH B 2 .   ? 0.750   -0.530  14.513  1.00 79.36  ? 242 HOH A O   1 
HETATM 706 O O   . HOH B 2 .   ? 1.169   3.305   12.946  1.00 70.17  ? 243 HOH A O   1 
HETATM 707 O O   . HOH B 2 .   ? -0.698  15.507  4.022   1.00 68.81  ? 244 HOH A O   1 
HETATM 708 O O   . HOH B 2 .   ? -0.132  -5.483  -8.302  1.00 71.88  ? 245 HOH A O   1 
HETATM 709 O O   . HOH B 2 .   ? 11.952  14.930  -5.404  1.00 78.41  ? 246 HOH A O   1 
HETATM 710 O O   . HOH B 2 .   ? 2.262   5.563   13.050  1.00 68.39  ? 247 HOH A O   1 
HETATM 711 O O   . HOH B 2 .   ? -5.307  8.445   -2.086  1.00 73.34  ? 248 HOH A O   1 
HETATM 712 O O   . HOH B 2 .   ? -3.971  9.678   0.638   1.00 72.22  ? 249 HOH A O   1 
HETATM 713 O O   . HOH B 2 .   ? -6.474  -11.999 17.654  1.00 79.67  ? 250 HOH A O   1 
HETATM 714 O O   . HOH B 2 .   ? -0.362  -0.696  -16.712 1.00 77.62  ? 251 HOH A O   1 
HETATM 715 O O   . HOH B 2 .   ? 5.107   -0.045  15.569  1.00 78.54  ? 252 HOH A O   1 
# 
loop_
_pdbx_poly_seq_scheme.asym_id 
_pdbx_poly_seq_scheme.entity_id 
_pdbx_poly_seq_scheme.seq_id 
_pdbx_poly_seq_scheme.mon_id 
_pdbx_poly_seq_scheme.ndb_seq_num 
_pdbx_poly_seq_scheme.pdb_seq_num 
_pdbx_poly_seq_scheme.auth_seq_num 
_pdbx_poly_seq_scheme.pdb_mon_id 
_pdbx_poly_seq_scheme.auth_mon_id 
_pdbx_poly_seq_scheme.pdb_strand_id 
_pdbx_poly_seq_scheme.pdb_ins_code 
_pdbx_poly_seq_scheme.hetero 
A 1 1   MET 1   -13 ?  ?   ?   A . n 
A 1 2   SER 2   -12 ?  ?   ?   A . n 
A 1 3   ALA 3   -11 ?  ?   ?   A . n 
A 1 4   SER 4   -10 ?  ?   ?   A . n 
A 1 5   GLY 5   -9  ?  ?   ?   A . n 
A 1 6   SER 6   -8  ?  ?   ?   A . n 
A 1 7   GLY 7   -7  ?  ?   ?   A . n 
A 1 8   VAL 8   -6  ?  ?   ?   A . n 
A 1 9   ALA 9   -5  ?  ?   ?   A . n 
A 1 10  ALA 10  -4  ?  ?   ?   A . n 
A 1 11  ILE 11  -3  ?  ?   ?   A . n 
A 1 12  TYR 12  -2  ?  ?   ?   A . n 
A 1 13  GLY 13  -1  ?  ?   ?   A . n 
A 1 14  ARG 14  0   ?  ?   ?   A . n 
A 1 15  ALA 15  1   ?  ?   ?   A . n 
A 1 16  GLU 16  2   ?  ?   ?   A . n 
A 1 17  GLU 17  3   ?  ?   ?   A . n 
A 1 18  ALA 18  4   ?  ?   ?   A . n 
A 1 19  GLN 19  5   ?  ?   ?   A . n 
A 1 20  ASN 20  6   ?  ?   ?   A . n 
A 1 21  ALA 21  7   ?  ?   ?   A . n 
A 1 22  PRO 22  8   ?  ?   ?   A . n 
A 1 23  VAL 23  9   ?  ?   ?   A . n 
A 1 24  LYS 24  10  ?  ?   ?   A . n 
A 1 25  LEU 25  11  ?  ?   ?   A . n 
A 1 26  GLN 26  12  ?  ?   ?   A . n 
A 1 27  PRO 27  13  ?  ?   ?   A . n 
A 1 28  VAL 28  14  14 VAL VAL A . n 
A 1 29  PRO 29  15  15 PRO PRO A . n 
A 1 30  ALA 30  16  16 ALA ALA A . n 
A 1 31  PHE 31  17  17 PHE PHE A . n 
A 1 32  GLU 32  18  18 GLU GLU A . n 
A 1 33  LEU 33  19  19 LEU LEU A . n 
A 1 34  TYR 34  20  20 TYR TYR A . n 
A 1 35  LYS 35  21  21 LYS LYS A . n 
A 1 36  ALA 36  22  22 ALA ALA A . n 
A 1 37  ALA 37  23  23 ALA ALA A . n 
A 1 38  ARG 38  24  24 ARG ARG A . n 
A 1 39  GLU 39  25  25 GLU GLU A . n 
A 1 40  GLU 40  26  26 GLU GLU A . n 
A 1 41  GLU 41  27  27 GLU GLU A . n 
A 1 42  LEU 42  28  28 LEU LEU A . n 
A 1 43  CYS 43  29  29 CYS CYS A . n 
A 1 44  SER 44  30  30 SER SER A . n 
A 1 45  TYR 45  31  31 TYR TYR A . n 
A 1 46  ARG 46  32  32 ARG ARG A . n 
A 1 47  SER 47  33  33 SER SER A . n 
A 1 48  LEU 48  34  34 LEU LEU A . n 
A 1 49  CYS 49  35  35 CYS CYS A . n 
A 1 50  ARG 50  36  36 ARG ARG A . n 
A 1 51  VAL 51  37  37 VAL VAL A . n 
A 1 52  LEU 52  38  38 LEU LEU A . n 
A 1 53  CYS 53  39  39 CYS CYS A . n 
A 1 54  MET 54  40  40 MET MET A . n 
A 1 55  HIS 55  41  41 HIS HIS A . n 
A 1 56  SER 56  42  42 SER SER A . n 
A 1 57  GLY 57  43  43 GLY GLY A . n 
A 1 58  GLY 58  44  44 GLY GLY A . n 
A 1 59  LYS 59  45  45 LYS LYS A . n 
A 1 60  LEU 60  46  46 LEU LEU A . n 
A 1 61  THR 61  47  47 THR THR A . n 
A 1 62  LYS 62  48  48 LYS LYS A . n 
A 1 63  GLN 63  49  49 GLN GLN A . n 
A 1 64  GLN 64  50  50 GLN GLN A . n 
A 1 65  ARG 65  51  51 ARG ARG A . n 
A 1 66  ARG 66  52  52 ARG ARG A . n 
A 1 67  ILE 67  53  53 ILE ILE A . n 
A 1 68  LEU 68  54  54 LEU LEU A . n 
A 1 69  GLU 69  55  55 GLU GLU A . n 
A 1 70  ASP 70  56  56 ASP ASP A . n 
A 1 71  MET 71  57  57 MET MET A . n 
A 1 72  ARG 72  58  58 ARG ARG A . n 
A 1 73  GLU 73  59  59 GLU GLU A . n 
A 1 74  GLU 74  60  60 GLU GLU A . n 
A 1 75  LEU 75  61  61 LEU LEU A . n 
A 1 76  CYS 76  62  62 CYS CYS A . n 
A 1 77  LEU 77  63  63 LEU LEU A . n 
A 1 78  PRO 78  64  64 PRO PRO A . n 
A 1 79  THR 79  65  65 THR THR A . n 
A 1 80  GLU 80  66  66 GLU GLU A . n 
A 1 81  ARG 81  67  67 ARG ARG A . n 
A 1 82  ALA 82  68  68 ALA ALA A . n 
A 1 83  GLU 83  69  69 GLU GLU A . n 
A 1 84  ALA 84  70  70 ALA ALA A . n 
A 1 85  GLU 85  71  71 GLU GLU A . n 
A 1 86  LEU 86  72  72 LEU LEU A . n 
A 1 87  ALA 87  73  73 ALA ALA A . n 
A 1 88  ALA 88  74  74 ALA ALA A . n 
A 1 89  ALA 89  75  75 ALA ALA A . n 
A 1 90  ARG 90  76  76 ARG ARG A . n 
A 1 91  GLU 91  77  77 GLU GLU A . n 
A 1 92  ASP 92  78  78 ASP ASP A . n 
A 1 93  VAL 93  79  79 VAL VAL A . n 
A 1 94  LEU 94  80  80 LEU LEU A . n 
A 1 95  VAL 95  81  81 VAL VAL A . n 
A 1 96  THR 96  82  82 THR THR A . n 
A 1 97  SER 97  83  83 SER SER A . n 
A 1 98  VAL 98  84  84 VAL VAL A . n 
A 1 99  ALA 99  85  85 ALA ALA A . n 
A 1 100 ALA 100 86  86 ALA ALA A . n 
A 1 101 SER 101 87  87 SER SER A . n 
A 1 102 GLY 102 88  88 GLY GLY A . n 
A 1 103 VAL 103 89  89 VAL VAL A . n 
A 1 104 LEU 104 90  90 LEU LEU A . n 
A 1 105 LYS 105 91  91 LYS LYS A . n 
A 1 106 ARG 106 92  92 ARG ARG A . n 
A 1 107 ARG 107 93  93 ARG ARG A . n 
A 1 108 GLN 108 94  94 GLN GLN A . n 
A 1 109 ASP 109 95  95 ASP ASP A . n 
A 1 110 LEU 110 96  96 LEU LEU A . n 
A 1 111 GLU 111 97  97 GLU GLU A . n 
A 1 112 HIS 112 98  ?  ?   ?   A . n 
A 1 113 HIS 113 99  ?  ?   ?   A . n 
A 1 114 HIS 114 100 ?  ?   ?   A . n 
A 1 115 HIS 115 101 ?  ?   ?   A . n 
A 1 116 HIS 116 102 ?  ?   ?   A . n 
A 1 117 HIS 117 103 ?  ?   ?   A . n 
# 
loop_
_pdbx_nonpoly_scheme.asym_id 
_pdbx_nonpoly_scheme.entity_id 
_pdbx_nonpoly_scheme.mon_id 
_pdbx_nonpoly_scheme.ndb_seq_num 
_pdbx_nonpoly_scheme.pdb_seq_num 
_pdbx_nonpoly_scheme.auth_seq_num 
_pdbx_nonpoly_scheme.pdb_mon_id 
_pdbx_nonpoly_scheme.auth_mon_id 
_pdbx_nonpoly_scheme.pdb_strand_id 
_pdbx_nonpoly_scheme.pdb_ins_code 
B 2 HOH 1  201 108 HOH HOH A . 
B 2 HOH 2  202 135 HOH HOH A . 
B 2 HOH 3  203 116 HOH HOH A . 
B 2 HOH 4  204 105 HOH HOH A . 
B 2 HOH 5  205 121 HOH HOH A . 
B 2 HOH 6  206 124 HOH HOH A . 
B 2 HOH 7  207 131 HOH HOH A . 
B 2 HOH 8  208 103 HOH HOH A . 
B 2 HOH 9  209 106 HOH HOH A . 
B 2 HOH 10 210 102 HOH HOH A . 
B 2 HOH 11 211 112 HOH HOH A . 
B 2 HOH 12 212 130 HOH HOH A . 
B 2 HOH 13 213 115 HOH HOH A . 
B 2 HOH 14 214 114 HOH HOH A . 
B 2 HOH 15 215 145 HOH HOH A . 
B 2 HOH 16 216 100 HOH HOH A . 
B 2 HOH 17 217 98  HOH HOH A . 
B 2 HOH 18 218 109 HOH HOH A . 
B 2 HOH 19 219 101 HOH HOH A . 
B 2 HOH 20 220 140 HOH HOH A . 
B 2 HOH 21 221 107 HOH HOH A . 
B 2 HOH 22 222 117 HOH HOH A . 
B 2 HOH 23 223 99  HOH HOH A . 
B 2 HOH 24 224 127 HOH HOH A . 
B 2 HOH 25 225 110 HOH HOH A . 
B 2 HOH 26 226 138 HOH HOH A . 
B 2 HOH 27 227 120 HOH HOH A . 
B 2 HOH 28 228 126 HOH HOH A . 
B 2 HOH 29 229 143 HOH HOH A . 
B 2 HOH 30 230 118 HOH HOH A . 
B 2 HOH 31 231 136 HOH HOH A . 
B 2 HOH 32 232 133 HOH HOH A . 
B 2 HOH 33 233 137 HOH HOH A . 
B 2 HOH 34 234 144 HOH HOH A . 
B 2 HOH 35 235 141 HOH HOH A . 
B 2 HOH 36 236 123 HOH HOH A . 
B 2 HOH 37 237 104 HOH HOH A . 
B 2 HOH 38 238 147 HOH HOH A . 
B 2 HOH 39 239 122 HOH HOH A . 
B 2 HOH 40 240 148 HOH HOH A . 
B 2 HOH 41 241 119 HOH HOH A . 
B 2 HOH 42 242 128 HOH HOH A . 
B 2 HOH 43 243 142 HOH HOH A . 
B 2 HOH 44 244 111 HOH HOH A . 
B 2 HOH 45 245 125 HOH HOH A . 
B 2 HOH 46 246 129 HOH HOH A . 
B 2 HOH 47 247 132 HOH HOH A . 
B 2 HOH 48 248 113 HOH HOH A . 
B 2 HOH 49 249 139 HOH HOH A . 
B 2 HOH 50 250 146 HOH HOH A . 
B 2 HOH 51 251 134 HOH HOH A . 
B 2 HOH 52 252 149 HOH HOH A . 
# 
_pdbx_struct_assembly.id                   1 
_pdbx_struct_assembly.details              author_defined_assembly 
_pdbx_struct_assembly.method_details       ? 
_pdbx_struct_assembly.oligomeric_details   monomeric 
_pdbx_struct_assembly.oligomeric_count     1 
# 
_pdbx_struct_assembly_gen.assembly_id       1 
_pdbx_struct_assembly_gen.oper_expression   1 
_pdbx_struct_assembly_gen.asym_id_list      A,B 
# 
_pdbx_struct_oper_list.id                   1 
_pdbx_struct_oper_list.type                 'identity operation' 
_pdbx_struct_oper_list.name                 1_555 
_pdbx_struct_oper_list.symmetry_operation   x,y,z 
_pdbx_struct_oper_list.matrix[1][1]         1.0000000000 
_pdbx_struct_oper_list.matrix[1][2]         0.0000000000 
_pdbx_struct_oper_list.matrix[1][3]         0.0000000000 
_pdbx_struct_oper_list.vector[1]            0.0000000000 
_pdbx_struct_oper_list.matrix[2][1]         0.0000000000 
_pdbx_struct_oper_list.matrix[2][2]         1.0000000000 
_pdbx_struct_oper_list.matrix[2][3]         0.0000000000 
_pdbx_struct_oper_list.vector[2]            0.0000000000 
_pdbx_struct_oper_list.matrix[3][1]         0.0000000000 
_pdbx_struct_oper_list.matrix[3][2]         0.0000000000 
_pdbx_struct_oper_list.matrix[3][3]         1.0000000000 
_pdbx_struct_oper_list.vector[3]            0.0000000000 
# 
loop_
_pdbx_struct_special_symmetry.id 
_pdbx_struct_special_symmetry.PDB_model_num 
_pdbx_struct_special_symmetry.auth_asym_id 
_pdbx_struct_special_symmetry.auth_comp_id 
_pdbx_struct_special_symmetry.auth_seq_id 
_pdbx_struct_special_symmetry.PDB_ins_code 
_pdbx_struct_special_symmetry.label_asym_id 
_pdbx_struct_special_symmetry.label_comp_id 
_pdbx_struct_special_symmetry.label_seq_id 
1 1 A HOH 219 ? B HOH . 
2 1 A HOH 241 ? B HOH . 
# 
loop_
_pdbx_audit_revision_history.ordinal 
_pdbx_audit_revision_history.data_content_type 
_pdbx_audit_revision_history.major_revision 
_pdbx_audit_revision_history.minor_revision 
_pdbx_audit_revision_history.revision_date 
1 'Structure model' 1 0 2019-05-22 
2 'Structure model' 1 1 2020-12-02 
3 'Structure model' 1 2 2023-11-22 
# 
_pdbx_audit_revision_details.ordinal             1 
_pdbx_audit_revision_details.revision_ordinal    1 
_pdbx_audit_revision_details.data_content_type   'Structure model' 
_pdbx_audit_revision_details.provider            repository 
_pdbx_audit_revision_details.type                'Initial release' 
_pdbx_audit_revision_details.description         ? 
_pdbx_audit_revision_details.details             ? 
# 
loop_
_pdbx_audit_revision_group.ordinal 
_pdbx_audit_revision_group.revision_ordinal 
_pdbx_audit_revision_group.data_content_type 
_pdbx_audit_revision_group.group 
1 2 'Structure model' 'Database references'    
2 3 'Structure model' 'Data collection'        
3 3 'Structure model' 'Database references'    
4 3 'Structure model' 'Refinement description' 
# 
loop_
_pdbx_audit_revision_category.ordinal 
_pdbx_audit_revision_category.revision_ordinal 
_pdbx_audit_revision_category.data_content_type 
_pdbx_audit_revision_category.category 
1 2 'Structure model' citation                      
2 2 'Structure model' citation_author               
3 3 'Structure model' chem_comp_atom                
4 3 'Structure model' chem_comp_bond                
5 3 'Structure model' database_2                    
6 3 'Structure model' pdbx_initial_refinement_model 
# 
loop_
_pdbx_audit_revision_item.ordinal 
_pdbx_audit_revision_item.revision_ordinal 
_pdbx_audit_revision_item.data_content_type 
_pdbx_audit_revision_item.item 
1  2 'Structure model' '_citation.country'                   
2  2 'Structure model' '_citation.journal_abbrev'            
3  2 'Structure model' '_citation.journal_id_ASTM'           
4  2 'Structure model' '_citation.journal_id_CSD'            
5  2 'Structure model' '_citation.journal_id_ISSN'           
6  2 'Structure model' '_citation.journal_volume'            
7  2 'Structure model' '_citation.page_first'                
8  2 'Structure model' '_citation.page_last'                 
9  2 'Structure model' '_citation.pdbx_database_id_DOI'      
10 2 'Structure model' '_citation.pdbx_database_id_PubMed'   
11 2 'Structure model' '_citation.title'                     
12 2 'Structure model' '_citation.year'                      
13 3 'Structure model' '_database_2.pdbx_DOI'                
14 3 'Structure model' '_database_2.pdbx_database_accession' 
# 
loop_
_software.citation_id 
_software.classification 
_software.compiler_name 
_software.compiler_version 
_software.contact_author 
_software.contact_author_email 
_software.date 
_software.description 
_software.dependencies 
_software.hardware 
_software.language 
_software.location 
_software.mods 
_software.name 
_software.os 
_software.os_version 
_software.type 
_software.version 
_software.pdbx_ordinal 
? refinement       ? ? ? ? ? ? ? ? ? ? ? PHENIX ? ? ? 1.13-2998 1 
? 'data reduction' ? ? ? ? ? ? ? ? ? ? ? xia2   ? ? ? .         2 
? 'data scaling'   ? ? ? ? ? ? ? ? ? ? ? xia2   ? ? ? .         3 
? phasing          ? ? ? ? ? ? ? ? ? ? ? PHENIX ? ? ? 1.13-2998 4 
# 
_pdbx_validate_close_contact.id               1 
_pdbx_validate_close_contact.PDB_model_num    1 
_pdbx_validate_close_contact.auth_atom_id_1   NH2 
_pdbx_validate_close_contact.auth_asym_id_1   A 
_pdbx_validate_close_contact.auth_comp_id_1   ARG 
_pdbx_validate_close_contact.auth_seq_id_1    92 
_pdbx_validate_close_contact.PDB_ins_code_1   ? 
_pdbx_validate_close_contact.label_alt_id_1   ? 
_pdbx_validate_close_contact.auth_atom_id_2   O 
_pdbx_validate_close_contact.auth_asym_id_2   A 
_pdbx_validate_close_contact.auth_comp_id_2   HOH 
_pdbx_validate_close_contact.auth_seq_id_2    201 
_pdbx_validate_close_contact.PDB_ins_code_2   ? 
_pdbx_validate_close_contact.label_alt_id_2   ? 
_pdbx_validate_close_contact.dist             2.14 
# 
loop_
_pdbx_validate_symm_contact.id 
_pdbx_validate_symm_contact.PDB_model_num 
_pdbx_validate_symm_contact.auth_atom_id_1 
_pdbx_validate_symm_contact.auth_asym_id_1 
_pdbx_validate_symm_contact.auth_comp_id_1 
_pdbx_validate_symm_contact.auth_seq_id_1 
_pdbx_validate_symm_contact.PDB_ins_code_1 
_pdbx_validate_symm_contact.label_alt_id_1 
_pdbx_validate_symm_contact.site_symmetry_1 
_pdbx_validate_symm_contact.auth_atom_id_2 
_pdbx_validate_symm_contact.auth_asym_id_2 
_pdbx_validate_symm_contact.auth_comp_id_2 
_pdbx_validate_symm_contact.auth_seq_id_2 
_pdbx_validate_symm_contact.PDB_ins_code_2 
_pdbx_validate_symm_contact.label_alt_id_2 
_pdbx_validate_symm_contact.site_symmetry_2 
_pdbx_validate_symm_contact.dist 
1 1 O A HOH 236 ? ? 1_555 O A HOH 252 ? ? 8_666 2.16 
2 1 O A HOH 217 ? ? 1_555 O A HOH 247 ? ? 8_666 2.17 
# 
loop_
_pdbx_unobs_or_zero_occ_residues.id 
_pdbx_unobs_or_zero_occ_residues.PDB_model_num 
_pdbx_unobs_or_zero_occ_residues.polymer_flag 
_pdbx_unobs_or_zero_occ_residues.occupancy_flag 
_pdbx_unobs_or_zero_occ_residues.auth_asym_id 
_pdbx_unobs_or_zero_occ_residues.auth_comp_id 
_pdbx_unobs_or_zero_occ_residues.auth_seq_id 
_pdbx_unobs_or_zero_occ_residues.PDB_ins_code 
_pdbx_unobs_or_zero_occ_residues.label_asym_id 
_pdbx_unobs_or_zero_occ_residues.label_comp_id 
_pdbx_unobs_or_zero_occ_residues.label_seq_id 
1  1 Y 1 A MET -13 ? A MET 1   
2  1 Y 1 A SER -12 ? A SER 2   
3  1 Y 1 A ALA -11 ? A ALA 3   
4  1 Y 1 A SER -10 ? A SER 4   
5  1 Y 1 A GLY -9  ? A GLY 5   
6  1 Y 1 A SER -8  ? A SER 6   
7  1 Y 1 A GLY -7  ? A GLY 7   
8  1 Y 1 A VAL -6  ? A VAL 8   
9  1 Y 1 A ALA -5  ? A ALA 9   
10 1 Y 1 A ALA -4  ? A ALA 10  
11 1 Y 1 A ILE -3  ? A ILE 11  
12 1 Y 1 A TYR -2  ? A TYR 12  
13 1 Y 1 A GLY -1  ? A GLY 13  
14 1 Y 1 A ARG 0   ? A ARG 14  
15 1 Y 1 A ALA 1   ? A ALA 15  
16 1 Y 1 A GLU 2   ? A GLU 16  
17 1 Y 1 A GLU 3   ? A GLU 17  
18 1 Y 1 A ALA 4   ? A ALA 18  
19 1 Y 1 A GLN 5   ? A GLN 19  
20 1 Y 1 A ASN 6   ? A ASN 20  
21 1 Y 1 A ALA 7   ? A ALA 21  
22 1 Y 1 A PRO 8   ? A PRO 22  
23 1 Y 1 A VAL 9   ? A VAL 23  
24 1 Y 1 A LYS 10  ? A LYS 24  
25 1 Y 1 A LEU 11  ? A LEU 25  
26 1 Y 1 A GLN 12  ? A GLN 26  
27 1 Y 1 A PRO 13  ? A PRO 27  
28 1 Y 1 A HIS 98  ? A HIS 112 
29 1 Y 1 A HIS 99  ? A HIS 113 
30 1 Y 1 A HIS 100 ? A HIS 114 
31 1 Y 1 A HIS 101 ? A HIS 115 
32 1 Y 1 A HIS 102 ? A HIS 116 
33 1 Y 1 A HIS 103 ? A HIS 117 
# 
loop_
_chem_comp_atom.comp_id 
_chem_comp_atom.atom_id 
_chem_comp_atom.type_symbol 
_chem_comp_atom.pdbx_aromatic_flag 
_chem_comp_atom.pdbx_stereo_config 
_chem_comp_atom.pdbx_ordinal 
ALA N    N N N 1   
ALA CA   C N S 2   
ALA C    C N N 3   
ALA O    O N N 4   
ALA CB   C N N 5   
ALA OXT  O N N 6   
ALA H    H N N 7   
ALA H2   H N N 8   
ALA HA   H N N 9   
ALA HB1  H N N 10  
ALA HB2  H N N 11  
ALA HB3  H N N 12  
ALA HXT  H N N 13  
ARG N    N N N 14  
ARG CA   C N S 15  
ARG C    C N N 16  
ARG O    O N N 17  
ARG CB   C N N 18  
ARG CG   C N N 19  
ARG CD   C N N 20  
ARG NE   N N N 21  
ARG CZ   C N N 22  
ARG NH1  N N N 23  
ARG NH2  N N N 24  
ARG OXT  O N N 25  
ARG H    H N N 26  
ARG H2   H N N 27  
ARG HA   H N N 28  
ARG HB2  H N N 29  
ARG HB3  H N N 30  
ARG HG2  H N N 31  
ARG HG3  H N N 32  
ARG HD2  H N N 33  
ARG HD3  H N N 34  
ARG HE   H N N 35  
ARG HH11 H N N 36  
ARG HH12 H N N 37  
ARG HH21 H N N 38  
ARG HH22 H N N 39  
ARG HXT  H N N 40  
ASN N    N N N 41  
ASN CA   C N S 42  
ASN C    C N N 43  
ASN O    O N N 44  
ASN CB   C N N 45  
ASN CG   C N N 46  
ASN OD1  O N N 47  
ASN ND2  N N N 48  
ASN OXT  O N N 49  
ASN H    H N N 50  
ASN H2   H N N 51  
ASN HA   H N N 52  
ASN HB2  H N N 53  
ASN HB3  H N N 54  
ASN HD21 H N N 55  
ASN HD22 H N N 56  
ASN HXT  H N N 57  
ASP N    N N N 58  
ASP CA   C N S 59  
ASP C    C N N 60  
ASP O    O N N 61  
ASP CB   C N N 62  
ASP CG   C N N 63  
ASP OD1  O N N 64  
ASP OD2  O N N 65  
ASP OXT  O N N 66  
ASP H    H N N 67  
ASP H2   H N N 68  
ASP HA   H N N 69  
ASP HB2  H N N 70  
ASP HB3  H N N 71  
ASP HD2  H N N 72  
ASP HXT  H N N 73  
CYS N    N N N 74  
CYS CA   C N R 75  
CYS C    C N N 76  
CYS O    O N N 77  
CYS CB   C N N 78  
CYS SG   S N N 79  
CYS OXT  O N N 80  
CYS H    H N N 81  
CYS H2   H N N 82  
CYS HA   H N N 83  
CYS HB2  H N N 84  
CYS HB3  H N N 85  
CYS HG   H N N 86  
CYS HXT  H N N 87  
GLN N    N N N 88  
GLN CA   C N S 89  
GLN C    C N N 90  
GLN O    O N N 91  
GLN CB   C N N 92  
GLN CG   C N N 93  
GLN CD   C N N 94  
GLN OE1  O N N 95  
GLN NE2  N N N 96  
GLN OXT  O N N 97  
GLN H    H N N 98  
GLN H2   H N N 99  
GLN HA   H N N 100 
GLN HB2  H N N 101 
GLN HB3  H N N 102 
GLN HG2  H N N 103 
GLN HG3  H N N 104 
GLN HE21 H N N 105 
GLN HE22 H N N 106 
GLN HXT  H N N 107 
GLU N    N N N 108 
GLU CA   C N S 109 
GLU C    C N N 110 
GLU O    O N N 111 
GLU CB   C N N 112 
GLU CG   C N N 113 
GLU CD   C N N 114 
GLU OE1  O N N 115 
GLU OE2  O N N 116 
GLU OXT  O N N 117 
GLU H    H N N 118 
GLU H2   H N N 119 
GLU HA   H N N 120 
GLU HB2  H N N 121 
GLU HB3  H N N 122 
GLU HG2  H N N 123 
GLU HG3  H N N 124 
GLU HE2  H N N 125 
GLU HXT  H N N 126 
GLY N    N N N 127 
GLY CA   C N N 128 
GLY C    C N N 129 
GLY O    O N N 130 
GLY OXT  O N N 131 
GLY H    H N N 132 
GLY H2   H N N 133 
GLY HA2  H N N 134 
GLY HA3  H N N 135 
GLY HXT  H N N 136 
HIS N    N N N 137 
HIS CA   C N S 138 
HIS C    C N N 139 
HIS O    O N N 140 
HIS CB   C N N 141 
HIS CG   C Y N 142 
HIS ND1  N Y N 143 
HIS CD2  C Y N 144 
HIS CE1  C Y N 145 
HIS NE2  N Y N 146 
HIS OXT  O N N 147 
HIS H    H N N 148 
HIS H2   H N N 149 
HIS HA   H N N 150 
HIS HB2  H N N 151 
HIS HB3  H N N 152 
HIS HD1  H N N 153 
HIS HD2  H N N 154 
HIS HE1  H N N 155 
HIS HE2  H N N 156 
HIS HXT  H N N 157 
HOH O    O N N 158 
HOH H1   H N N 159 
HOH H2   H N N 160 
ILE N    N N N 161 
ILE CA   C N S 162 
ILE C    C N N 163 
ILE O    O N N 164 
ILE CB   C N S 165 
ILE CG1  C N N 166 
ILE CG2  C N N 167 
ILE CD1  C N N 168 
ILE OXT  O N N 169 
ILE H    H N N 170 
ILE H2   H N N 171 
ILE HA   H N N 172 
ILE HB   H N N 173 
ILE HG12 H N N 174 
ILE HG13 H N N 175 
ILE HG21 H N N 176 
ILE HG22 H N N 177 
ILE HG23 H N N 178 
ILE HD11 H N N 179 
ILE HD12 H N N 180 
ILE HD13 H N N 181 
ILE HXT  H N N 182 
LEU N    N N N 183 
LEU CA   C N S 184 
LEU C    C N N 185 
LEU O    O N N 186 
LEU CB   C N N 187 
LEU CG   C N N 188 
LEU CD1  C N N 189 
LEU CD2  C N N 190 
LEU OXT  O N N 191 
LEU H    H N N 192 
LEU H2   H N N 193 
LEU HA   H N N 194 
LEU HB2  H N N 195 
LEU HB3  H N N 196 
LEU HG   H N N 197 
LEU HD11 H N N 198 
LEU HD12 H N N 199 
LEU HD13 H N N 200 
LEU HD21 H N N 201 
LEU HD22 H N N 202 
LEU HD23 H N N 203 
LEU HXT  H N N 204 
LYS N    N N N 205 
LYS CA   C N S 206 
LYS C    C N N 207 
LYS O    O N N 208 
LYS CB   C N N 209 
LYS CG   C N N 210 
LYS CD   C N N 211 
LYS CE   C N N 212 
LYS NZ   N N N 213 
LYS OXT  O N N 214 
LYS H    H N N 215 
LYS H2   H N N 216 
LYS HA   H N N 217 
LYS HB2  H N N 218 
LYS HB3  H N N 219 
LYS HG2  H N N 220 
LYS HG3  H N N 221 
LYS HD2  H N N 222 
LYS HD3  H N N 223 
LYS HE2  H N N 224 
LYS HE3  H N N 225 
LYS HZ1  H N N 226 
LYS HZ2  H N N 227 
LYS HZ3  H N N 228 
LYS HXT  H N N 229 
MET N    N N N 230 
MET CA   C N S 231 
MET C    C N N 232 
MET O    O N N 233 
MET CB   C N N 234 
MET CG   C N N 235 
MET SD   S N N 236 
MET CE   C N N 237 
MET OXT  O N N 238 
MET H    H N N 239 
MET H2   H N N 240 
MET HA   H N N 241 
MET HB2  H N N 242 
MET HB3  H N N 243 
MET HG2  H N N 244 
MET HG3  H N N 245 
MET HE1  H N N 246 
MET HE2  H N N 247 
MET HE3  H N N 248 
MET HXT  H N N 249 
PHE N    N N N 250 
PHE CA   C N S 251 
PHE C    C N N 252 
PHE O    O N N 253 
PHE CB   C N N 254 
PHE CG   C Y N 255 
PHE CD1  C Y N 256 
PHE CD2  C Y N 257 
PHE CE1  C Y N 258 
PHE CE2  C Y N 259 
PHE CZ   C Y N 260 
PHE OXT  O N N 261 
PHE H    H N N 262 
PHE H2   H N N 263 
PHE HA   H N N 264 
PHE HB2  H N N 265 
PHE HB3  H N N 266 
PHE HD1  H N N 267 
PHE HD2  H N N 268 
PHE HE1  H N N 269 
PHE HE2  H N N 270 
PHE HZ   H N N 271 
PHE HXT  H N N 272 
PRO N    N N N 273 
PRO CA   C N S 274 
PRO C    C N N 275 
PRO O    O N N 276 
PRO CB   C N N 277 
PRO CG   C N N 278 
PRO CD   C N N 279 
PRO OXT  O N N 280 
PRO H    H N N 281 
PRO HA   H N N 282 
PRO HB2  H N N 283 
PRO HB3  H N N 284 
PRO HG2  H N N 285 
PRO HG3  H N N 286 
PRO HD2  H N N 287 
PRO HD3  H N N 288 
PRO HXT  H N N 289 
SER N    N N N 290 
SER CA   C N S 291 
SER C    C N N 292 
SER O    O N N 293 
SER CB   C N N 294 
SER OG   O N N 295 
SER OXT  O N N 296 
SER H    H N N 297 
SER H2   H N N 298 
SER HA   H N N 299 
SER HB2  H N N 300 
SER HB3  H N N 301 
SER HG   H N N 302 
SER HXT  H N N 303 
THR N    N N N 304 
THR CA   C N S 305 
THR C    C N N 306 
THR O    O N N 307 
THR CB   C N R 308 
THR OG1  O N N 309 
THR CG2  C N N 310 
THR OXT  O N N 311 
THR H    H N N 312 
THR H2   H N N 313 
THR HA   H N N 314 
THR HB   H N N 315 
THR HG1  H N N 316 
THR HG21 H N N 317 
THR HG22 H N N 318 
THR HG23 H N N 319 
THR HXT  H N N 320 
TYR N    N N N 321 
TYR CA   C N S 322 
TYR C    C N N 323 
TYR O    O N N 324 
TYR CB   C N N 325 
TYR CG   C Y N 326 
TYR CD1  C Y N 327 
TYR CD2  C Y N 328 
TYR CE1  C Y N 329 
TYR CE2  C Y N 330 
TYR CZ   C Y N 331 
TYR OH   O N N 332 
TYR OXT  O N N 333 
TYR H    H N N 334 
TYR H2   H N N 335 
TYR HA   H N N 336 
TYR HB2  H N N 337 
TYR HB3  H N N 338 
TYR HD1  H N N 339 
TYR HD2  H N N 340 
TYR HE1  H N N 341 
TYR HE2  H N N 342 
TYR HH   H N N 343 
TYR HXT  H N N 344 
VAL N    N N N 345 
VAL CA   C N S 346 
VAL C    C N N 347 
VAL O    O N N 348 
VAL CB   C N N 349 
VAL CG1  C N N 350 
VAL CG2  C N N 351 
VAL OXT  O N N 352 
VAL H    H N N 353 
VAL H2   H N N 354 
VAL HA   H N N 355 
VAL HB   H N N 356 
VAL HG11 H N N 357 
VAL HG12 H N N 358 
VAL HG13 H N N 359 
VAL HG21 H N N 360 
VAL HG22 H N N 361 
VAL HG23 H N N 362 
VAL HXT  H N N 363 
# 
loop_
_chem_comp_bond.comp_id 
_chem_comp_bond.atom_id_1 
_chem_comp_bond.atom_id_2 
_chem_comp_bond.value_order 
_chem_comp_bond.pdbx_aromatic_flag 
_chem_comp_bond.pdbx_stereo_config 
_chem_comp_bond.pdbx_ordinal 
ALA N   CA   sing N N 1   
ALA N   H    sing N N 2   
ALA N   H2   sing N N 3   
ALA CA  C    sing N N 4   
ALA CA  CB   sing N N 5   
ALA CA  HA   sing N N 6   
ALA C   O    doub N N 7   
ALA C   OXT  sing N N 8   
ALA CB  HB1  sing N N 9   
ALA CB  HB2  sing N N 10  
ALA CB  HB3  sing N N 11  
ALA OXT HXT  sing N N 12  
ARG N   CA   sing N N 13  
ARG N   H    sing N N 14  
ARG N   H2   sing N N 15  
ARG CA  C    sing N N 16  
ARG CA  CB   sing N N 17  
ARG CA  HA   sing N N 18  
ARG C   O    doub N N 19  
ARG C   OXT  sing N N 20  
ARG CB  CG   sing N N 21  
ARG CB  HB2  sing N N 22  
ARG CB  HB3  sing N N 23  
ARG CG  CD   sing N N 24  
ARG CG  HG2  sing N N 25  
ARG CG  HG3  sing N N 26  
ARG CD  NE   sing N N 27  
ARG CD  HD2  sing N N 28  
ARG CD  HD3  sing N N 29  
ARG NE  CZ   sing N N 30  
ARG NE  HE   sing N N 31  
ARG CZ  NH1  sing N N 32  
ARG CZ  NH2  doub N N 33  
ARG NH1 HH11 sing N N 34  
ARG NH1 HH12 sing N N 35  
ARG NH2 HH21 sing N N 36  
ARG NH2 HH22 sing N N 37  
ARG OXT HXT  sing N N 38  
ASN N   CA   sing N N 39  
ASN N   H    sing N N 40  
ASN N   H2   sing N N 41  
ASN CA  C    sing N N 42  
ASN CA  CB   sing N N 43  
ASN CA  HA   sing N N 44  
ASN C   O    doub N N 45  
ASN C   OXT  sing N N 46  
ASN CB  CG   sing N N 47  
ASN CB  HB2  sing N N 48  
ASN CB  HB3  sing N N 49  
ASN CG  OD1  doub N N 50  
ASN CG  ND2  sing N N 51  
ASN ND2 HD21 sing N N 52  
ASN ND2 HD22 sing N N 53  
ASN OXT HXT  sing N N 54  
ASP N   CA   sing N N 55  
ASP N   H    sing N N 56  
ASP N   H2   sing N N 57  
ASP CA  C    sing N N 58  
ASP CA  CB   sing N N 59  
ASP CA  HA   sing N N 60  
ASP C   O    doub N N 61  
ASP C   OXT  sing N N 62  
ASP CB  CG   sing N N 63  
ASP CB  HB2  sing N N 64  
ASP CB  HB3  sing N N 65  
ASP CG  OD1  doub N N 66  
ASP CG  OD2  sing N N 67  
ASP OD2 HD2  sing N N 68  
ASP OXT HXT  sing N N 69  
CYS N   CA   sing N N 70  
CYS N   H    sing N N 71  
CYS N   H2   sing N N 72  
CYS CA  C    sing N N 73  
CYS CA  CB   sing N N 74  
CYS CA  HA   sing N N 75  
CYS C   O    doub N N 76  
CYS C   OXT  sing N N 77  
CYS CB  SG   sing N N 78  
CYS CB  HB2  sing N N 79  
CYS CB  HB3  sing N N 80  
CYS SG  HG   sing N N 81  
CYS OXT HXT  sing N N 82  
GLN N   CA   sing N N 83  
GLN N   H    sing N N 84  
GLN N   H2   sing N N 85  
GLN CA  C    sing N N 86  
GLN CA  CB   sing N N 87  
GLN CA  HA   sing N N 88  
GLN C   O    doub N N 89  
GLN C   OXT  sing N N 90  
GLN CB  CG   sing N N 91  
GLN CB  HB2  sing N N 92  
GLN CB  HB3  sing N N 93  
GLN CG  CD   sing N N 94  
GLN CG  HG2  sing N N 95  
GLN CG  HG3  sing N N 96  
GLN CD  OE1  doub N N 97  
GLN CD  NE2  sing N N 98  
GLN NE2 HE21 sing N N 99  
GLN NE2 HE22 sing N N 100 
GLN OXT HXT  sing N N 101 
GLU N   CA   sing N N 102 
GLU N   H    sing N N 103 
GLU N   H2   sing N N 104 
GLU CA  C    sing N N 105 
GLU CA  CB   sing N N 106 
GLU CA  HA   sing N N 107 
GLU C   O    doub N N 108 
GLU C   OXT  sing N N 109 
GLU CB  CG   sing N N 110 
GLU CB  HB2  sing N N 111 
GLU CB  HB3  sing N N 112 
GLU CG  CD   sing N N 113 
GLU CG  HG2  sing N N 114 
GLU CG  HG3  sing N N 115 
GLU CD  OE1  doub N N 116 
GLU CD  OE2  sing N N 117 
GLU OE2 HE2  sing N N 118 
GLU OXT HXT  sing N N 119 
GLY N   CA   sing N N 120 
GLY N   H    sing N N 121 
GLY N   H2   sing N N 122 
GLY CA  C    sing N N 123 
GLY CA  HA2  sing N N 124 
GLY CA  HA3  sing N N 125 
GLY C   O    doub N N 126 
GLY C   OXT  sing N N 127 
GLY OXT HXT  sing N N 128 
HIS N   CA   sing N N 129 
HIS N   H    sing N N 130 
HIS N   H2   sing N N 131 
HIS CA  C    sing N N 132 
HIS CA  CB   sing N N 133 
HIS CA  HA   sing N N 134 
HIS C   O    doub N N 135 
HIS C   OXT  sing N N 136 
HIS CB  CG   sing N N 137 
HIS CB  HB2  sing N N 138 
HIS CB  HB3  sing N N 139 
HIS CG  ND1  sing Y N 140 
HIS CG  CD2  doub Y N 141 
HIS ND1 CE1  doub Y N 142 
HIS ND1 HD1  sing N N 143 
HIS CD2 NE2  sing Y N 144 
HIS CD2 HD2  sing N N 145 
HIS CE1 NE2  sing Y N 146 
HIS CE1 HE1  sing N N 147 
HIS NE2 HE2  sing N N 148 
HIS OXT HXT  sing N N 149 
HOH O   H1   sing N N 150 
HOH O   H2   sing N N 151 
ILE N   CA   sing N N 152 
ILE N   H    sing N N 153 
ILE N   H2   sing N N 154 
ILE CA  C    sing N N 155 
ILE CA  CB   sing N N 156 
ILE CA  HA   sing N N 157 
ILE C   O    doub N N 158 
ILE C   OXT  sing N N 159 
ILE CB  CG1  sing N N 160 
ILE CB  CG2  sing N N 161 
ILE CB  HB   sing N N 162 
ILE CG1 CD1  sing N N 163 
ILE CG1 HG12 sing N N 164 
ILE CG1 HG13 sing N N 165 
ILE CG2 HG21 sing N N 166 
ILE CG2 HG22 sing N N 167 
ILE CG2 HG23 sing N N 168 
ILE CD1 HD11 sing N N 169 
ILE CD1 HD12 sing N N 170 
ILE CD1 HD13 sing N N 171 
ILE OXT HXT  sing N N 172 
LEU N   CA   sing N N 173 
LEU N   H    sing N N 174 
LEU N   H2   sing N N 175 
LEU CA  C    sing N N 176 
LEU CA  CB   sing N N 177 
LEU CA  HA   sing N N 178 
LEU C   O    doub N N 179 
LEU C   OXT  sing N N 180 
LEU CB  CG   sing N N 181 
LEU CB  HB2  sing N N 182 
LEU CB  HB3  sing N N 183 
LEU CG  CD1  sing N N 184 
LEU CG  CD2  sing N N 185 
LEU CG  HG   sing N N 186 
LEU CD1 HD11 sing N N 187 
LEU CD1 HD12 sing N N 188 
LEU CD1 HD13 sing N N 189 
LEU CD2 HD21 sing N N 190 
LEU CD2 HD22 sing N N 191 
LEU CD2 HD23 sing N N 192 
LEU OXT HXT  sing N N 193 
LYS N   CA   sing N N 194 
LYS N   H    sing N N 195 
LYS N   H2   sing N N 196 
LYS CA  C    sing N N 197 
LYS CA  CB   sing N N 198 
LYS CA  HA   sing N N 199 
LYS C   O    doub N N 200 
LYS C   OXT  sing N N 201 
LYS CB  CG   sing N N 202 
LYS CB  HB2  sing N N 203 
LYS CB  HB3  sing N N 204 
LYS CG  CD   sing N N 205 
LYS CG  HG2  sing N N 206 
LYS CG  HG3  sing N N 207 
LYS CD  CE   sing N N 208 
LYS CD  HD2  sing N N 209 
LYS CD  HD3  sing N N 210 
LYS CE  NZ   sing N N 211 
LYS CE  HE2  sing N N 212 
LYS CE  HE3  sing N N 213 
LYS NZ  HZ1  sing N N 214 
LYS NZ  HZ2  sing N N 215 
LYS NZ  HZ3  sing N N 216 
LYS OXT HXT  sing N N 217 
MET N   CA   sing N N 218 
MET N   H    sing N N 219 
MET N   H2   sing N N 220 
MET CA  C    sing N N 221 
MET CA  CB   sing N N 222 
MET CA  HA   sing N N 223 
MET C   O    doub N N 224 
MET C   OXT  sing N N 225 
MET CB  CG   sing N N 226 
MET CB  HB2  sing N N 227 
MET CB  HB3  sing N N 228 
MET CG  SD   sing N N 229 
MET CG  HG2  sing N N 230 
MET CG  HG3  sing N N 231 
MET SD  CE   sing N N 232 
MET CE  HE1  sing N N 233 
MET CE  HE2  sing N N 234 
MET CE  HE3  sing N N 235 
MET OXT HXT  sing N N 236 
PHE N   CA   sing N N 237 
PHE N   H    sing N N 238 
PHE N   H2   sing N N 239 
PHE CA  C    sing N N 240 
PHE CA  CB   sing N N 241 
PHE CA  HA   sing N N 242 
PHE C   O    doub N N 243 
PHE C   OXT  sing N N 244 
PHE CB  CG   sing N N 245 
PHE CB  HB2  sing N N 246 
PHE CB  HB3  sing N N 247 
PHE CG  CD1  doub Y N 248 
PHE CG  CD2  sing Y N 249 
PHE CD1 CE1  sing Y N 250 
PHE CD1 HD1  sing N N 251 
PHE CD2 CE2  doub Y N 252 
PHE CD2 HD2  sing N N 253 
PHE CE1 CZ   doub Y N 254 
PHE CE1 HE1  sing N N 255 
PHE CE2 CZ   sing Y N 256 
PHE CE2 HE2  sing N N 257 
PHE CZ  HZ   sing N N 258 
PHE OXT HXT  sing N N 259 
PRO N   CA   sing N N 260 
PRO N   CD   sing N N 261 
PRO N   H    sing N N 262 
PRO CA  C    sing N N 263 
PRO CA  CB   sing N N 264 
PRO CA  HA   sing N N 265 
PRO C   O    doub N N 266 
PRO C   OXT  sing N N 267 
PRO CB  CG   sing N N 268 
PRO CB  HB2  sing N N 269 
PRO CB  HB3  sing N N 270 
PRO CG  CD   sing N N 271 
PRO CG  HG2  sing N N 272 
PRO CG  HG3  sing N N 273 
PRO CD  HD2  sing N N 274 
PRO CD  HD3  sing N N 275 
PRO OXT HXT  sing N N 276 
SER N   CA   sing N N 277 
SER N   H    sing N N 278 
SER N   H2   sing N N 279 
SER CA  C    sing N N 280 
SER CA  CB   sing N N 281 
SER CA  HA   sing N N 282 
SER C   O    doub N N 283 
SER C   OXT  sing N N 284 
SER CB  OG   sing N N 285 
SER CB  HB2  sing N N 286 
SER CB  HB3  sing N N 287 
SER OG  HG   sing N N 288 
SER OXT HXT  sing N N 289 
THR N   CA   sing N N 290 
THR N   H    sing N N 291 
THR N   H2   sing N N 292 
THR CA  C    sing N N 293 
THR CA  CB   sing N N 294 
THR CA  HA   sing N N 295 
THR C   O    doub N N 296 
THR C   OXT  sing N N 297 
THR CB  OG1  sing N N 298 
THR CB  CG2  sing N N 299 
THR CB  HB   sing N N 300 
THR OG1 HG1  sing N N 301 
THR CG2 HG21 sing N N 302 
THR CG2 HG22 sing N N 303 
THR CG2 HG23 sing N N 304 
THR OXT HXT  sing N N 305 
TYR N   CA   sing N N 306 
TYR N   H    sing N N 307 
TYR N   H2   sing N N 308 
TYR CA  C    sing N N 309 
TYR CA  CB   sing N N 310 
TYR CA  HA   sing N N 311 
TYR C   O    doub N N 312 
TYR C   OXT  sing N N 313 
TYR CB  CG   sing N N 314 
TYR CB  HB2  sing N N 315 
TYR CB  HB3  sing N N 316 
TYR CG  CD1  doub Y N 317 
TYR CG  CD2  sing Y N 318 
TYR CD1 CE1  sing Y N 319 
TYR CD1 HD1  sing N N 320 
TYR CD2 CE2  doub Y N 321 
TYR CD2 HD2  sing N N 322 
TYR CE1 CZ   doub Y N 323 
TYR CE1 HE1  sing N N 324 
TYR CE2 CZ   sing Y N 325 
TYR CE2 HE2  sing N N 326 
TYR CZ  OH   sing N N 327 
TYR OH  HH   sing N N 328 
TYR OXT HXT  sing N N 329 
VAL N   CA   sing N N 330 
VAL N   H    sing N N 331 
VAL N   H2   sing N N 332 
VAL CA  C    sing N N 333 
VAL CA  CB   sing N N 334 
VAL CA  HA   sing N N 335 
VAL C   O    doub N N 336 
VAL C   OXT  sing N N 337 
VAL CB  CG1  sing N N 338 
VAL CB  CG2  sing N N 339 
VAL CB  HB   sing N N 340 
VAL CG1 HG11 sing N N 341 
VAL CG1 HG12 sing N N 342 
VAL CG1 HG13 sing N N 343 
VAL CG2 HG21 sing N N 344 
VAL CG2 HG22 sing N N 345 
VAL CG2 HG23 sing N N 346 
VAL OXT HXT  sing N N 347 
# 
_pdbx_audit_support.funding_organization   'National Natural Science Foundation of China' 
_pdbx_audit_support.country                China 
_pdbx_audit_support.grant_number           31500601 
_pdbx_audit_support.ordinal                1 
# 
_pdbx_entity_nonpoly.entity_id   2 
_pdbx_entity_nonpoly.name        water 
_pdbx_entity_nonpoly.comp_id     HOH 
# 
_pdbx_initial_refinement_model.id               1 
_pdbx_initial_refinement_model.entity_id_list   ? 
_pdbx_initial_refinement_model.type             'experimental model' 
_pdbx_initial_refinement_model.source_name      PDB 
_pdbx_initial_refinement_model.accession_code   1UZ3 
_pdbx_initial_refinement_model.details          ? 
# 
_pdbx_struct_assembly_auth_evidence.id                     1 
_pdbx_struct_assembly_auth_evidence.assembly_id            1 
_pdbx_struct_assembly_auth_evidence.experimental_support   'gel filtration' 
_pdbx_struct_assembly_auth_evidence.details                ? 
# 
